data_6BV1
#
_entry.id   6BV1
#
_cell.length_a   259.810
_cell.length_b   62.682
_cell.length_c   81.717
_cell.angle_alpha   90.00
_cell.angle_beta   100.40
_cell.angle_gamma   90.00
#
_symmetry.space_group_name_H-M   'C 1 2 1'
#
loop_
_entity.id
_entity.type
_entity.pdbx_description
1 polymer 'Aminopeptidase N'
2 branched 2-acetamido-2-deoxy-beta-D-glucopyranose-(1-4)-2-acetamido-2-deoxy-beta-D-glucopyranose-(1-4)-2-acetamido-2-deoxy-beta-D-glucopyranose
3 branched 2-acetamido-2-deoxy-beta-D-glucopyranose-(1-4)-2-acetamido-2-deoxy-beta-D-glucopyranose
4 non-polymer 2-acetamido-2-deoxy-beta-D-glucopyranose
5 non-polymer 'ASPARTIC ACID'
6 non-polymer 'SULFATE ION'
7 non-polymer 'ZINC ION'
8 water water
#
_entity_poly.entity_id   1
_entity_poly.type   'polypeptide(L)'
_entity_poly.pdbx_seq_one_letter_code
;QSKPWNRYRLPTTLLPDSYNVTLRPYLTPNADGLYIFKGKSIVRFLCQEPTDVIIIHSKKLNYTTQGHMVVLRGVGDSQV
PEIDRTELVELTEYLVVHLKGSLQPGHMYEMESEFQGELADDLAGFYRSEYMEGNVKKVLATTQMQSTDARKSFPCFDEP
AMKATFNITLIHPNNLTALSNMPPKGSSTPLAEDPNWSVTEFETTPVMSTYLLAYIVSEFQSVNETAQNGVLIRIWARPN
AIAEGHGMYALNVTGPILNFFANHYNTSYPLPKSDQIALPDFNAGAMENWGLVTYRENALLFDPQSSSISNKERVVTVIA
HELAHQWFGNLVTLAWWNDLWLNEGFASYVEYLGADHAEPTWNLKDLIVPGDVYRVMAVDALASSHPLTTPAEEVNTPAQ
ISEMFDSISYSKGASVIRMLSNFLTEDLFKEGLASYLHAFAYQNTTYLDLWEHLQKAVDAQTSIRLPDTVRAIMDRWTLQ
MGFPVITVDTKTGNISQKHFLLDSESNVTRSSAFDYLWIVPISSIKNGVMQDHYWLRDVSQAQNDLFKTASDDWVLLNVN
VTGYFQVNYDEDNWRMIQHQLQTNLSVIPVINRAQVIYDSFNLATAHMVPVTLALDNTLFLNGEKEYMPWQAALSSLSYF
SLMFDRSEVYGPMKKYLRKQVEPLFQHFETLTKNWTERPENLMDQYSEINAISTACSNGLPQCENLAKTLFDQWMSDPEN
NPIHPNLRSTIYCNAIAQGGQDQWDFAWGQLQQAQLVNEADKLRSALACSNEVWLLNRYLGYTLNPDLIRKQDATSTINS
IASNVIGQPLAWDFVQSNWKKLFQDYGGGSFSFSNLIQGVTRRFSSEFELQQLEQFKKNNMDVGFGSGTRALEQALEKTK
ANIKWVKENKEVVLNWFIEHSS
;
_entity_poly.pdbx_strand_id   A
#
loop_
_chem_comp.id
_chem_comp.type
_chem_comp.name
_chem_comp.formula
NAG D-saccharide, beta linking 2-acetamido-2-deoxy-beta-D-glucopyranose 'C8 H15 N O6'
SO4 non-polymer 'SULFATE ION' 'O4 S -2'
ZN non-polymer 'ZINC ION' 'Zn 2'
#
# COMPACT_ATOMS: atom_id res chain seq x y z
N GLN A 1 39.82 4.34 -16.56
CA GLN A 1 38.45 3.89 -16.92
C GLN A 1 38.01 2.69 -16.09
N SER A 2 36.82 2.74 -15.51
CA SER A 2 36.33 1.60 -14.69
C SER A 2 35.92 0.40 -15.54
N LYS A 3 36.02 -0.79 -14.96
CA LYS A 3 35.65 -2.02 -15.68
C LYS A 3 34.13 -2.11 -15.66
N PRO A 4 33.53 -2.47 -16.81
CA PRO A 4 32.08 -2.40 -16.90
C PRO A 4 31.37 -3.35 -15.90
N TRP A 5 32.03 -4.45 -15.54
CA TRP A 5 31.46 -5.41 -14.57
C TRP A 5 31.50 -4.89 -13.12
N ASN A 6 32.15 -3.77 -12.91
CA ASN A 6 32.08 -3.08 -11.63
C ASN A 6 31.10 -1.89 -11.63
N ARG A 7 30.37 -1.72 -12.72
CA ARG A 7 29.27 -0.74 -12.81
C ARG A 7 27.91 -1.42 -12.62
N TYR A 8 27.03 -0.77 -11.89
CA TYR A 8 25.73 -1.35 -11.56
C TYR A 8 24.76 -1.43 -12.72
N ARG A 9 24.89 -0.52 -13.69
CA ARG A 9 24.03 -0.56 -14.89
C ARG A 9 24.70 -1.44 -15.94
N LEU A 10 23.91 -2.26 -16.61
CA LEU A 10 24.36 -3.10 -17.73
C LEU A 10 24.92 -2.25 -18.87
N PRO A 11 25.90 -2.78 -19.62
CA PRO A 11 26.20 -2.20 -20.93
C PRO A 11 24.98 -2.17 -21.83
N THR A 12 25.02 -1.36 -22.88
CA THR A 12 24.00 -1.42 -23.92
C THR A 12 24.53 -2.03 -25.21
N THR A 13 25.70 -2.65 -25.13
CA THR A 13 26.30 -3.31 -26.30
C THR A 13 25.55 -4.58 -26.73
N LEU A 14 24.88 -5.24 -25.81
CA LEU A 14 24.18 -6.48 -26.08
C LEU A 14 22.71 -6.39 -25.61
N LEU A 15 21.78 -6.75 -26.47
CA LEU A 15 20.37 -6.76 -26.10
C LEU A 15 19.74 -8.14 -26.29
N PRO A 16 18.96 -8.60 -25.31
CA PRO A 16 18.34 -9.91 -25.40
C PRO A 16 17.21 -9.93 -26.44
N ASP A 17 17.04 -11.06 -27.12
CA ASP A 17 15.94 -11.30 -28.03
C ASP A 17 14.90 -12.19 -27.37
N SER A 18 15.35 -13.30 -26.81
CA SER A 18 14.45 -14.32 -26.31
C SER A 18 15.22 -15.29 -25.43
N TYR A 19 14.50 -15.88 -24.47
CA TYR A 19 15.04 -16.83 -23.52
C TYR A 19 14.22 -18.14 -23.58
N ASN A 20 14.93 -19.26 -23.47
CA ASN A 20 14.36 -20.48 -22.94
C ASN A 20 14.79 -20.62 -21.50
N VAL A 21 13.85 -20.92 -20.62
CA VAL A 21 14.18 -21.22 -19.23
C VAL A 21 13.41 -22.43 -18.75
N THR A 22 14.16 -23.41 -18.22
CA THR A 22 13.56 -24.60 -17.59
C THR A 22 13.97 -24.63 -16.13
N LEU A 23 12.97 -24.63 -15.26
CA LEU A 23 13.20 -24.62 -13.80
C LEU A 23 12.62 -25.88 -13.15
N ARG A 24 13.33 -26.41 -12.16
CA ARG A 24 12.93 -27.64 -11.50
C ARG A 24 13.12 -27.47 -9.98
N PRO A 25 12.03 -27.14 -9.26
CA PRO A 25 12.11 -27.05 -7.82
C PRO A 25 12.10 -28.47 -7.21
N TYR A 26 12.94 -28.68 -6.20
CA TYR A 26 12.86 -29.88 -5.38
C TYR A 26 12.20 -29.55 -4.03
N LEU A 27 10.94 -29.94 -3.89
CA LEU A 27 10.13 -29.56 -2.76
C LEU A 27 10.34 -30.47 -1.55
N THR A 28 11.22 -31.44 -1.71
CA THR A 28 11.67 -32.30 -0.60
C THR A 28 13.10 -31.89 -0.22
N PRO A 29 13.31 -31.49 1.04
CA PRO A 29 14.63 -31.09 1.50
C PRO A 29 15.69 -32.21 1.29
N ASN A 30 16.94 -31.82 1.15
CA ASN A 30 18.02 -32.78 0.90
C ASN A 30 18.55 -33.44 2.16
N ALA A 31 17.82 -33.29 3.27
CA ALA A 31 18.12 -34.10 4.48
C ALA A 31 19.20 -33.49 5.40
N ASP A 32 19.95 -32.52 4.86
CA ASP A 32 20.60 -31.49 5.68
C ASP A 32 19.65 -30.33 5.88
N GLY A 33 18.45 -30.45 5.29
CA GLY A 33 17.39 -29.49 5.50
C GLY A 33 17.30 -28.51 4.35
N LEU A 34 18.21 -28.65 3.39
CA LEU A 34 18.32 -27.71 2.26
C LEU A 34 17.34 -28.02 1.13
N TYR A 35 16.55 -27.03 0.73
CA TYR A 35 15.76 -27.11 -0.49
C TYR A 35 16.50 -26.44 -1.66
N ILE A 36 16.56 -27.09 -2.80
CA ILE A 36 17.15 -26.48 -3.99
C ILE A 36 16.20 -26.45 -5.18
N PHE A 37 16.52 -25.63 -6.17
CA PHE A 37 15.98 -25.78 -7.51
C PHE A 37 17.11 -25.88 -8.52
N LYS A 38 16.86 -26.53 -9.63
CA LYS A 38 17.85 -26.64 -10.69
C LYS A 38 17.26 -25.94 -11.89
N GLY A 39 18.10 -25.40 -12.73
CA GLY A 39 17.65 -24.73 -13.94
C GLY A 39 18.58 -24.91 -15.11
N LYS A 40 18.05 -24.68 -16.30
CA LYS A 40 18.84 -24.61 -17.52
C LYS A 40 18.25 -23.45 -18.32
N SER A 41 19.10 -22.64 -18.93
CA SER A 41 18.60 -21.53 -19.70
C SER A 41 19.41 -21.31 -20.98
N ILE A 42 18.74 -20.81 -22.01
CA ILE A 42 19.43 -20.28 -23.16
C ILE A 42 18.90 -18.88 -23.44
N VAL A 43 19.78 -17.89 -23.48
CA VAL A 43 19.41 -16.56 -23.90
C VAL A 43 19.99 -16.27 -25.30
N ARG A 44 19.13 -15.89 -26.21
CA ARG A 44 19.52 -15.37 -27.49
C ARG A 44 19.54 -13.83 -27.40
N PHE A 45 20.71 -13.25 -27.69
CA PHE A 45 20.87 -11.82 -27.72
C PHE A 45 21.53 -11.34 -29.01
N LEU A 46 21.40 -10.05 -29.27
CA LEU A 46 21.93 -9.40 -30.47
C LEU A 46 23.07 -8.48 -30.02
N CYS A 47 24.18 -8.51 -30.75
CA CYS A 47 25.23 -7.55 -30.54
C CYS A 47 24.91 -6.21 -31.26
N GLN A 48 24.80 -5.14 -30.49
CA GLN A 48 24.66 -3.78 -31.04
C GLN A 48 25.98 -3.11 -31.37
N GLU A 49 26.95 -3.25 -30.47
CA GLU A 49 28.28 -2.66 -30.63
C GLU A 49 29.31 -3.72 -30.32
N PRO A 50 30.45 -3.72 -31.05
CA PRO A 50 31.42 -4.78 -30.82
C PRO A 50 31.89 -4.78 -29.36
N THR A 51 32.01 -5.97 -28.77
CA THR A 51 32.50 -6.11 -27.42
C THR A 51 33.06 -7.52 -27.23
N ASP A 52 34.07 -7.63 -26.39
CA ASP A 52 34.71 -8.90 -26.08
C ASP A 52 34.35 -9.41 -24.69
N VAL A 53 33.25 -8.89 -24.14
CA VAL A 53 32.78 -9.34 -22.83
C VAL A 53 31.25 -9.40 -22.80
N ILE A 54 30.71 -10.47 -22.23
CA ILE A 54 29.27 -10.57 -22.03
C ILE A 54 29.04 -10.37 -20.53
N ILE A 55 28.20 -9.40 -20.21
CA ILE A 55 27.87 -9.16 -18.82
C ILE A 55 26.37 -9.32 -18.67
N ILE A 56 25.99 -10.22 -17.79
CA ILE A 56 24.60 -10.58 -17.59
C ILE A 56 24.39 -10.76 -16.07
N HIS A 57 23.17 -10.55 -15.58
CA HIS A 57 22.93 -10.63 -14.16
C HIS A 57 22.85 -12.08 -13.69
N SER A 58 23.42 -12.33 -12.50
CA SER A 58 23.30 -13.59 -11.82
C SER A 58 23.44 -13.37 -10.31
N LYS A 59 22.55 -13.97 -9.53
CA LYS A 59 22.53 -13.76 -8.09
C LYS A 59 22.31 -15.07 -7.36
N LYS A 60 23.29 -15.49 -6.57
CA LYS A 60 23.16 -16.68 -5.72
C LYS A 60 22.86 -17.96 -6.53
N LEU A 61 23.46 -18.05 -7.70
CA LEU A 61 23.38 -19.23 -8.54
C LEU A 61 24.74 -19.92 -8.64
N ASN A 62 24.75 -21.23 -8.47
CA ASN A 62 25.89 -22.06 -8.76
C ASN A 62 25.75 -22.67 -10.17
N TYR A 63 26.83 -22.69 -10.92
CA TYR A 63 26.79 -23.13 -12.29
C TYR A 63 27.34 -24.53 -12.43
N THR A 64 26.62 -25.38 -13.14
CA THR A 64 27.06 -26.75 -13.37
C THR A 64 27.24 -27.05 -14.86
N THR A 65 27.21 -26.01 -15.69
CA THR A 65 27.47 -26.12 -17.11
C THR A 65 28.76 -26.88 -17.39
N GLN A 66 28.74 -27.71 -18.42
CA GLN A 66 29.96 -28.40 -18.88
C GLN A 66 30.97 -27.35 -19.42
N GLY A 67 32.21 -27.41 -18.96
CA GLY A 67 33.22 -26.46 -19.38
C GLY A 67 33.20 -25.19 -18.53
N HIS A 68 33.10 -24.04 -19.19
CA HIS A 68 32.92 -22.77 -18.45
C HIS A 68 31.47 -22.71 -17.92
N MET A 69 31.15 -21.62 -17.22
CA MET A 69 29.81 -21.46 -16.65
C MET A 69 28.73 -21.32 -17.72
N VAL A 70 29.15 -20.91 -18.91
CA VAL A 70 28.22 -20.89 -20.05
C VAL A 70 28.83 -21.62 -21.24
N VAL A 71 27.98 -21.98 -22.19
CA VAL A 71 28.40 -22.33 -23.53
C VAL A 71 27.85 -21.25 -24.46
N LEU A 72 28.68 -20.82 -25.41
CA LEU A 72 28.33 -19.69 -26.30
C LEU A 72 28.30 -20.17 -27.73
N ARG A 73 27.23 -19.85 -28.45
CA ARG A 73 27.13 -20.28 -29.85
C ARG A 73 26.72 -19.10 -30.72
N GLY A 74 27.06 -19.16 -32.00
CA GLY A 74 26.49 -18.22 -32.98
C GLY A 74 25.10 -18.65 -33.40
N VAL A 75 24.22 -17.69 -33.68
CA VAL A 75 22.95 -17.99 -34.28
C VAL A 75 23.08 -18.08 -35.81
N GLY A 76 22.45 -19.07 -36.41
CA GLY A 76 22.53 -19.28 -37.85
C GLY A 76 23.95 -19.62 -38.24
N ASP A 77 24.55 -18.82 -39.11
CA ASP A 77 25.94 -19.05 -39.50
C ASP A 77 26.94 -18.04 -38.94
N SER A 78 26.56 -17.37 -37.86
CA SER A 78 27.53 -16.55 -37.14
C SER A 78 28.63 -17.39 -36.51
N GLN A 79 29.88 -16.98 -36.68
CA GLN A 79 30.96 -17.49 -35.85
C GLN A 79 30.87 -16.89 -34.45
N VAL A 80 31.47 -17.58 -33.47
CA VAL A 80 31.49 -17.12 -32.09
C VAL A 80 32.96 -17.12 -31.63
N PRO A 81 33.36 -16.10 -30.84
CA PRO A 81 34.70 -16.14 -30.25
C PRO A 81 34.78 -17.21 -29.14
N GLU A 82 35.98 -17.72 -28.90
CA GLU A 82 36.18 -18.63 -27.78
C GLU A 82 36.07 -17.87 -26.46
N ILE A 83 35.57 -18.56 -25.43
CA ILE A 83 35.58 -18.02 -24.07
C ILE A 83 37.00 -18.07 -23.49
N ASP A 84 37.46 -16.96 -22.92
CA ASP A 84 38.67 -16.97 -22.09
C ASP A 84 38.36 -17.58 -20.70
N ARG A 85 37.44 -16.96 -19.98
CA ARG A 85 37.06 -17.39 -18.66
C ARG A 85 35.68 -16.81 -18.33
N THR A 86 34.97 -17.46 -17.42
CA THR A 86 33.76 -16.92 -16.85
C THR A 86 33.98 -16.72 -15.36
N GLU A 87 33.51 -15.60 -14.82
CA GLU A 87 33.64 -15.28 -13.41
C GLU A 87 32.36 -14.64 -12.90
N LEU A 88 32.09 -14.82 -11.61
CA LEU A 88 30.96 -14.21 -10.95
C LEU A 88 31.44 -13.00 -10.13
N VAL A 89 30.75 -11.88 -10.30
CA VAL A 89 31.08 -10.65 -9.60
C VAL A 89 29.92 -10.32 -8.66
N GLU A 90 30.09 -10.65 -7.40
CA GLU A 90 28.96 -10.71 -6.48
C GLU A 90 28.33 -9.35 -6.22
N LEU A 91 29.17 -8.32 -6.07
CA LEU A 91 28.71 -7.00 -5.66
C LEU A 91 27.69 -6.39 -6.64
N THR A 92 28.01 -6.45 -7.92
CA THR A 92 27.13 -5.92 -8.96
C THR A 92 26.25 -7.03 -9.57
N GLU A 93 26.30 -8.22 -8.96
CA GLU A 93 25.39 -9.33 -9.30
C GLU A 93 25.47 -9.75 -10.77
N TYR A 94 26.69 -9.98 -11.24
CA TYR A 94 26.99 -10.27 -12.63
C TYR A 94 27.59 -11.66 -12.81
N LEU A 95 27.21 -12.32 -13.90
CA LEU A 95 28.04 -13.34 -14.51
C LEU A 95 28.79 -12.70 -15.68
N VAL A 96 30.11 -12.83 -15.67
CA VAL A 96 30.96 -12.17 -16.62
C VAL A 96 31.69 -13.17 -17.52
N VAL A 97 31.45 -13.09 -18.80
CA VAL A 97 32.02 -13.99 -19.78
C VAL A 97 33.04 -13.24 -20.63
N HIS A 98 34.31 -13.47 -20.32
CA HIS A 98 35.41 -12.85 -21.05
C HIS A 98 35.72 -13.65 -22.28
N LEU A 99 35.73 -12.99 -23.44
CA LEU A 99 36.00 -13.68 -24.69
C LEU A 99 37.41 -13.39 -25.25
N LYS A 100 37.85 -14.28 -26.13
CA LYS A 100 39.16 -14.17 -26.78
C LYS A 100 39.11 -13.30 -28.04
N GLY A 101 37.92 -12.88 -28.44
CA GLY A 101 37.75 -11.88 -29.51
C GLY A 101 36.40 -11.18 -29.34
N SER A 102 36.02 -10.38 -30.33
CA SER A 102 34.86 -9.52 -30.19
C SER A 102 33.63 -10.07 -30.90
N LEU A 103 32.49 -9.94 -30.23
CA LEU A 103 31.21 -10.12 -30.88
C LEU A 103 31.02 -9.03 -31.93
N GLN A 104 30.17 -9.31 -32.91
CA GLN A 104 30.08 -8.46 -34.10
C GLN A 104 28.69 -7.83 -34.25
N PRO A 105 28.64 -6.51 -34.49
CA PRO A 105 27.37 -5.80 -34.63
C PRO A 105 26.47 -6.47 -35.63
N GLY A 106 25.22 -6.67 -35.26
CA GLY A 106 24.23 -7.25 -36.14
C GLY A 106 24.09 -8.76 -36.03
N HIS A 107 25.10 -9.39 -35.43
CA HIS A 107 25.06 -10.84 -35.22
C HIS A 107 24.28 -11.20 -33.94
N MET A 108 23.62 -12.35 -33.98
CA MET A 108 22.94 -12.87 -32.81
C MET A 108 23.72 -14.07 -32.25
N TYR A 109 23.61 -14.27 -30.95
CA TYR A 109 24.30 -15.34 -30.24
C TYR A 109 23.37 -16.02 -29.23
N GLU A 110 23.62 -17.30 -28.99
CA GLU A 110 22.92 -18.03 -27.96
C GLU A 110 23.87 -18.47 -26.84
N MET A 111 23.52 -18.13 -25.61
CA MET A 111 24.32 -18.46 -24.45
C MET A 111 23.56 -19.40 -23.51
N GLU A 112 24.12 -20.60 -23.31
CA GLU A 112 23.45 -21.66 -22.58
C GLU A 112 24.15 -21.85 -21.25
N SER A 113 23.36 -22.06 -20.20
CA SER A 113 23.90 -22.33 -18.88
C SER A 113 23.10 -23.37 -18.13
N GLU A 114 23.76 -24.03 -17.20
CA GLU A 114 23.10 -24.92 -16.25
C GLU A 114 23.48 -24.56 -14.83
N PHE A 115 22.51 -24.56 -13.94
CA PHE A 115 22.67 -23.90 -12.65
C PHE A 115 21.74 -24.44 -11.59
N GLN A 116 22.06 -24.13 -10.34
CA GLN A 116 21.13 -24.36 -9.25
C GLN A 116 21.24 -23.30 -8.17
N GLY A 117 20.16 -23.13 -7.42
CA GLY A 117 20.13 -22.22 -6.29
C GLY A 117 19.34 -22.83 -5.14
N GLU A 118 19.40 -22.19 -3.98
CA GLU A 118 18.56 -22.58 -2.87
C GLU A 118 17.12 -22.16 -3.19
N LEU A 119 16.18 -23.07 -2.97
CA LEU A 119 14.78 -22.72 -2.94
C LEU A 119 14.42 -22.27 -1.52
N ALA A 120 14.84 -21.06 -1.18
CA ALA A 120 14.86 -20.60 0.20
C ALA A 120 13.48 -20.09 0.55
N ASP A 121 13.17 -20.00 1.85
CA ASP A 121 11.89 -19.42 2.21
C ASP A 121 12.09 -17.93 2.48
N ASP A 122 12.47 -17.20 1.43
CA ASP A 122 12.99 -15.85 1.55
C ASP A 122 12.23 -14.86 0.64
N LEU A 123 11.14 -15.34 0.03
CA LEU A 123 10.29 -14.48 -0.81
C LEU A 123 11.03 -13.70 -1.92
N ALA A 124 12.08 -14.31 -2.47
CA ALA A 124 12.92 -13.64 -3.46
C ALA A 124 13.36 -14.63 -4.53
N GLY A 125 13.25 -14.22 -5.79
CA GLY A 125 13.52 -15.09 -6.93
C GLY A 125 12.53 -16.26 -6.95
N PHE A 126 13.03 -17.43 -7.31
CA PHE A 126 12.28 -18.68 -7.24
C PHE A 126 12.50 -19.17 -5.81
N TYR A 127 11.42 -19.27 -5.05
CA TYR A 127 11.52 -19.49 -3.60
C TYR A 127 10.43 -20.42 -3.10
N ARG A 128 10.58 -20.95 -1.88
CA ARG A 128 9.59 -21.88 -1.33
C ARG A 128 8.67 -21.19 -0.33
N SER A 129 7.42 -21.65 -0.27
CA SER A 129 6.47 -21.20 0.77
C SER A 129 5.81 -22.38 1.46
N GLU A 130 5.98 -22.44 2.78
CA GLU A 130 5.49 -23.54 3.62
C GLU A 130 4.18 -23.15 4.29
N TYR A 131 3.20 -24.04 4.30
CA TYR A 131 1.92 -23.79 4.99
C TYR A 131 1.29 -25.11 5.44
N MET A 132 0.26 -25.03 6.29
CA MET A 132 -0.38 -26.22 6.85
C MET A 132 -1.73 -26.58 6.23
N GLU A 133 -1.90 -27.84 5.84
CA GLU A 133 -3.21 -28.41 5.51
C GLU A 133 -3.52 -29.59 6.42
N GLY A 134 -4.33 -29.35 7.45
CA GLY A 134 -4.58 -30.37 8.48
C GLY A 134 -3.31 -30.71 9.21
N ASN A 135 -2.89 -31.98 9.12
CA ASN A 135 -1.72 -32.45 9.86
C ASN A 135 -0.43 -32.23 9.09
N VAL A 136 -0.55 -31.97 7.79
CA VAL A 136 0.60 -31.97 6.90
C VAL A 136 1.11 -30.56 6.65
N LYS A 137 2.42 -30.37 6.82
CA LYS A 137 3.10 -29.19 6.32
C LYS A 137 3.28 -29.31 4.81
N LYS A 138 2.71 -28.37 4.07
CA LYS A 138 2.80 -28.33 2.61
C LYS A 138 3.88 -27.35 2.19
N VAL A 139 4.49 -27.61 1.05
CA VAL A 139 5.48 -26.71 0.48
C VAL A 139 5.19 -26.52 -1.00
N LEU A 140 5.12 -25.26 -1.42
CA LEU A 140 5.00 -24.92 -2.85
C LEU A 140 6.17 -24.07 -3.28
N ALA A 141 6.35 -23.96 -4.60
CA ALA A 141 7.42 -23.16 -5.18
C ALA A 141 6.78 -22.04 -5.97
N THR A 142 7.28 -20.82 -5.77
CA THR A 142 6.67 -19.66 -6.40
C THR A 142 7.74 -18.57 -6.61
N THR A 143 7.37 -17.45 -7.20
CA THR A 143 8.37 -16.46 -7.56
C THR A 143 8.01 -15.05 -7.06
N GLN A 144 9.02 -14.24 -6.87
CA GLN A 144 8.86 -12.81 -6.70
C GLN A 144 10.13 -12.15 -7.27
N MET A 145 10.06 -11.66 -8.50
CA MET A 145 11.20 -11.09 -9.19
C MET A 145 11.36 -9.60 -8.85
N GLN A 146 10.24 -8.93 -8.56
CA GLN A 146 10.25 -7.50 -8.20
C GLN A 146 11.26 -7.25 -7.06
N SER A 147 12.26 -6.39 -7.26
CA SER A 147 12.55 -5.68 -8.51
C SER A 147 13.68 -6.33 -9.31
N THR A 148 14.68 -6.83 -8.59
CA THR A 148 15.94 -7.26 -9.17
C THR A 148 16.26 -8.70 -8.80
N ASP A 149 15.21 -9.54 -8.72
CA ASP A 149 15.41 -10.93 -8.34
C ASP A 149 15.15 -11.99 -9.43
N ALA A 150 14.86 -11.56 -10.65
CA ALA A 150 14.79 -12.53 -11.77
C ALA A 150 16.15 -13.24 -11.91
N ARG A 151 17.23 -12.47 -11.81
CA ARG A 151 18.62 -12.93 -11.84
C ARG A 151 18.98 -13.96 -10.73
N LYS A 152 18.15 -14.03 -9.69
CA LYS A 152 18.29 -15.02 -8.64
C LYS A 152 17.72 -16.38 -9.07
N SER A 153 16.91 -16.39 -10.13
CA SER A 153 16.29 -17.63 -10.62
C SER A 153 16.95 -18.20 -11.87
N PHE A 154 17.48 -17.30 -12.70
CA PHE A 154 18.23 -17.67 -13.89
C PHE A 154 19.02 -16.46 -14.40
N PRO A 155 20.13 -16.72 -15.10
CA PRO A 155 20.95 -15.59 -15.58
C PRO A 155 20.21 -14.81 -16.67
N CYS A 156 20.11 -13.49 -16.50
CA CYS A 156 19.35 -12.66 -17.44
C CYS A 156 19.82 -11.20 -17.41
N PHE A 157 19.47 -10.49 -18.49
CA PHE A 157 19.69 -9.03 -18.56
C PHE A 157 18.57 -8.36 -17.77
N ASP A 158 18.79 -8.23 -16.47
CA ASP A 158 17.71 -8.04 -15.52
C ASP A 158 17.49 -6.54 -15.29
N GLU A 159 17.19 -5.81 -16.36
CA GLU A 159 16.70 -4.42 -16.26
C GLU A 159 15.39 -4.30 -17.06
N PRO A 160 14.47 -3.45 -16.57
CA PRO A 160 13.09 -3.50 -17.11
C PRO A 160 12.94 -3.11 -18.62
N ALA A 161 13.82 -2.29 -19.16
CA ALA A 161 13.74 -1.91 -20.56
C ALA A 161 14.26 -2.98 -21.51
N MET A 162 15.01 -3.93 -20.97
CA MET A 162 15.60 -4.96 -21.80
C MET A 162 14.67 -6.15 -21.94
N LYS A 163 13.60 -5.92 -22.68
CA LYS A 163 12.51 -6.85 -22.79
C LYS A 163 12.84 -7.95 -23.80
N ALA A 164 12.19 -9.10 -23.64
CA ALA A 164 12.40 -10.21 -24.54
C ALA A 164 11.18 -11.12 -24.42
N THR A 165 11.13 -12.14 -25.25
CA THR A 165 10.12 -13.21 -25.05
C THR A 165 10.74 -14.30 -24.21
N PHE A 166 9.89 -15.01 -23.48
CA PHE A 166 10.35 -16.07 -22.59
C PHE A 166 9.57 -17.34 -22.87
N ASN A 167 10.30 -18.43 -23.04
CA ASN A 167 9.72 -19.76 -23.15
C ASN A 167 10.04 -20.52 -21.87
N ILE A 168 9.05 -20.60 -20.99
CA ILE A 168 9.21 -21.20 -19.69
C ILE A 168 8.80 -22.66 -19.73
N THR A 169 9.63 -23.54 -19.16
CA THR A 169 9.24 -24.92 -18.84
C THR A 169 9.45 -25.19 -17.36
N LEU A 170 8.48 -25.83 -16.72
CA LEU A 170 8.62 -26.32 -15.33
C LEU A 170 8.69 -27.82 -15.31
N ILE A 171 9.62 -28.34 -14.54
CA ILE A 171 9.70 -29.78 -14.21
C ILE A 171 9.32 -29.96 -12.73
N HIS A 172 8.27 -30.75 -12.47
CA HIS A 172 7.61 -30.74 -11.19
C HIS A 172 7.04 -32.12 -10.86
N PRO A 173 6.71 -32.37 -9.57
CA PRO A 173 6.04 -33.63 -9.25
C PRO A 173 4.75 -33.79 -10.06
N ASN A 174 4.45 -35.02 -10.47
CA ASN A 174 3.42 -35.23 -11.48
C ASN A 174 2.02 -34.99 -10.95
N ASN A 175 1.88 -34.91 -9.63
CA ASN A 175 0.59 -34.62 -9.02
C ASN A 175 0.42 -33.16 -8.58
N LEU A 176 1.35 -32.29 -8.98
CA LEU A 176 1.23 -30.87 -8.72
C LEU A 176 0.92 -30.09 -10.00
N THR A 177 0.32 -28.92 -9.86
CA THR A 177 -0.03 -28.10 -11.01
C THR A 177 1.08 -27.04 -11.18
N ALA A 178 1.43 -26.79 -12.42
CA ALA A 178 2.42 -25.77 -12.76
C ALA A 178 1.75 -24.62 -13.51
N LEU A 179 2.10 -23.38 -13.14
CA LEU A 179 1.51 -22.17 -13.70
C LEU A 179 2.63 -21.18 -14.08
N SER A 180 2.39 -20.43 -15.16
CA SER A 180 3.31 -19.35 -15.50
C SER A 180 2.56 -18.19 -16.13
N ASN A 181 3.30 -17.21 -16.64
CA ASN A 181 2.70 -16.06 -17.27
C ASN A 181 1.64 -16.41 -18.33
N MET A 182 1.97 -17.42 -19.12
CA MET A 182 1.22 -17.82 -20.30
C MET A 182 0.50 -19.15 -20.04
N PRO A 183 -0.45 -19.54 -20.90
CA PRO A 183 -1.05 -20.88 -20.75
C PRO A 183 -0.02 -21.96 -21.03
N PRO A 184 -0.24 -23.17 -20.49
CA PRO A 184 0.54 -24.33 -20.89
C PRO A 184 0.30 -24.64 -22.37
N LYS A 185 1.34 -25.07 -23.07
CA LYS A 185 1.25 -25.45 -24.49
C LYS A 185 0.29 -26.60 -24.75
N GLY A 186 0.14 -27.45 -23.76
CA GLY A 186 -0.59 -28.69 -23.92
C GLY A 186 -0.49 -29.46 -22.62
N SER A 187 -0.77 -30.75 -22.68
CA SER A 187 -0.73 -31.58 -21.49
C SER A 187 0.71 -31.78 -21.06
N SER A 188 0.94 -31.89 -19.75
CA SER A 188 2.26 -32.22 -19.21
C SER A 188 2.68 -33.61 -19.63
N THR A 189 3.97 -33.80 -19.84
CA THR A 189 4.48 -35.10 -20.23
C THR A 189 5.44 -35.60 -19.13
N PRO A 190 5.60 -36.93 -19.00
CA PRO A 190 6.48 -37.48 -17.95
C PRO A 190 7.94 -37.12 -18.21
N LEU A 191 8.68 -36.86 -17.15
CA LEU A 191 10.12 -36.69 -17.28
C LEU A 191 10.73 -38.07 -17.52
N ALA A 192 11.40 -38.25 -18.67
CA ALA A 192 11.96 -39.57 -19.02
C ALA A 192 12.92 -40.13 -17.96
N GLU A 193 13.79 -39.28 -17.43
CA GLU A 193 14.73 -39.68 -16.37
C GLU A 193 14.05 -40.16 -15.09
N ASP A 194 12.85 -39.65 -14.83
CA ASP A 194 12.10 -40.07 -13.64
C ASP A 194 10.62 -39.66 -13.78
N PRO A 195 9.79 -40.60 -14.22
CA PRO A 195 8.36 -40.37 -14.49
C PRO A 195 7.51 -39.94 -13.29
N ASN A 196 8.10 -39.94 -12.09
CA ASN A 196 7.43 -39.32 -10.94
C ASN A 196 7.29 -37.80 -11.13
N TRP A 197 8.10 -37.26 -12.02
CA TRP A 197 8.08 -35.86 -12.37
C TRP A 197 7.38 -35.69 -13.72
N SER A 198 6.79 -34.52 -13.93
CA SER A 198 6.25 -34.17 -15.22
C SER A 198 6.85 -32.85 -15.75
N VAL A 199 6.74 -32.66 -17.05
CA VAL A 199 7.26 -31.49 -17.73
C VAL A 199 6.08 -30.70 -18.30
N THR A 200 5.99 -29.43 -17.91
CA THR A 200 4.98 -28.51 -18.42
C THR A 200 5.64 -27.33 -19.13
N GLU A 201 5.40 -27.25 -20.45
CA GLU A 201 5.94 -26.12 -21.25
C GLU A 201 4.86 -25.07 -21.37
N PHE A 202 5.25 -23.82 -21.36
CA PHE A 202 4.28 -22.75 -21.52
C PHE A 202 4.45 -22.07 -22.87
N GLU A 203 3.37 -21.50 -23.39
CA GLU A 203 3.43 -20.67 -24.58
C GLU A 203 4.39 -19.48 -24.39
N THR A 204 5.02 -19.07 -25.48
CA THR A 204 5.91 -17.91 -25.50
C THR A 204 5.19 -16.65 -24.98
N THR A 205 5.82 -15.96 -24.03
CA THR A 205 5.30 -14.68 -23.54
C THR A 205 5.36 -13.64 -24.67
N PRO A 206 4.61 -12.57 -24.55
CA PRO A 206 4.96 -11.39 -25.35
C PRO A 206 6.33 -10.86 -24.98
N VAL A 207 6.84 -9.91 -25.74
CA VAL A 207 8.01 -9.15 -25.36
C VAL A 207 7.72 -8.49 -24.00
N MET A 208 8.54 -8.76 -23.00
CA MET A 208 8.25 -8.37 -21.61
C MET A 208 9.50 -8.25 -20.74
N SER A 209 9.35 -7.65 -19.57
CA SER A 209 10.43 -7.40 -18.65
C SER A 209 10.59 -8.62 -17.72
N THR A 210 11.83 -8.88 -17.33
CA THR A 210 12.16 -9.97 -16.41
C THR A 210 11.50 -9.83 -15.06
N TYR A 211 11.33 -8.60 -14.57
CA TYR A 211 10.78 -8.43 -13.23
C TYR A 211 9.29 -8.87 -13.14
N LEU A 212 8.69 -9.13 -14.29
CA LEU A 212 7.25 -9.51 -14.37
C LEU A 212 6.99 -11.00 -14.65
N LEU A 213 8.06 -11.79 -14.78
CA LEU A 213 7.95 -13.24 -14.92
C LEU A 213 7.42 -13.88 -13.64
N ALA A 214 6.70 -14.99 -13.78
CA ALA A 214 6.29 -15.79 -12.63
C ALA A 214 6.14 -17.24 -13.01
N TYR A 215 6.38 -18.12 -12.06
CA TYR A 215 6.09 -19.55 -12.25
C TYR A 215 5.92 -20.19 -10.89
N ILE A 216 4.91 -21.06 -10.80
CA ILE A 216 4.48 -21.57 -9.52
C ILE A 216 4.16 -23.05 -9.65
N VAL A 217 4.57 -23.82 -8.64
CA VAL A 217 4.24 -25.24 -8.58
C VAL A 217 3.59 -25.50 -7.24
N SER A 218 2.36 -26.01 -7.27
CA SER A 218 1.57 -26.19 -6.04
C SER A 218 0.48 -27.23 -6.20
N GLU A 219 -0.22 -27.51 -5.09
CA GLU A 219 -1.45 -28.33 -5.13
C GLU A 219 -2.70 -27.47 -5.30
N PHE A 220 -2.54 -26.22 -5.72
CA PHE A 220 -3.66 -25.28 -5.68
C PHE A 220 -4.75 -25.67 -6.68
N GLN A 221 -5.98 -25.30 -6.36
CA GLN A 221 -7.11 -25.43 -7.25
C GLN A 221 -7.70 -24.07 -7.56
N SER A 222 -8.64 -24.03 -8.49
CA SER A 222 -9.13 -22.75 -9.00
C SER A 222 -10.65 -22.74 -9.18
N VAL A 223 -11.22 -21.55 -9.13
CA VAL A 223 -12.52 -21.30 -9.74
C VAL A 223 -12.30 -20.52 -11.06
N ASN A 224 -13.16 -20.76 -12.04
CA ASN A 224 -12.94 -20.31 -13.42
C ASN A 224 -14.11 -19.54 -14.00
N GLU A 225 -13.82 -18.66 -14.95
CA GLU A 225 -14.84 -18.15 -15.86
C GLU A 225 -14.17 -17.90 -17.20
N THR A 226 -14.90 -18.16 -18.27
CA THR A 226 -14.44 -17.75 -19.59
C THR A 226 -15.19 -16.51 -19.98
N ALA A 227 -14.46 -15.42 -20.21
CA ALA A 227 -15.08 -14.16 -20.66
C ALA A 227 -15.64 -14.30 -22.08
N GLN A 228 -16.48 -13.33 -22.46
CA GLN A 228 -17.12 -13.33 -23.78
C GLN A 228 -16.14 -13.48 -24.94
N ASN A 229 -14.99 -12.82 -24.79
CA ASN A 229 -13.96 -12.80 -25.83
C ASN A 229 -12.95 -13.94 -25.68
N GLY A 230 -13.31 -14.94 -24.87
CA GLY A 230 -12.54 -16.19 -24.81
C GLY A 230 -11.41 -16.16 -23.79
N VAL A 231 -11.23 -15.02 -23.14
CA VAL A 231 -10.18 -14.88 -22.13
C VAL A 231 -10.57 -15.72 -20.91
N LEU A 232 -9.72 -16.67 -20.55
CA LEU A 232 -9.97 -17.52 -19.40
C LEU A 232 -9.53 -16.83 -18.10
N ILE A 233 -10.43 -16.74 -17.15
CA ILE A 233 -10.15 -16.09 -15.86
C ILE A 233 -10.13 -17.15 -14.77
N ARG A 234 -9.03 -17.29 -14.05
CA ARG A 234 -9.02 -18.16 -12.88
C ARG A 234 -8.54 -17.48 -11.61
N ILE A 235 -9.18 -17.83 -10.49
CA ILE A 235 -8.68 -17.56 -9.14
C ILE A 235 -8.14 -18.85 -8.53
N TRP A 236 -6.85 -18.85 -8.17
CA TRP A 236 -6.18 -20.03 -7.60
C TRP A 236 -5.97 -19.87 -6.10
N ALA A 237 -6.15 -20.96 -5.37
CA ALA A 237 -5.94 -20.95 -3.93
C ALA A 237 -5.79 -22.36 -3.38
N ARG A 238 -5.41 -22.45 -2.11
CA ARG A 238 -5.42 -23.72 -1.38
C ARG A 238 -6.75 -24.45 -1.63
N PRO A 239 -6.68 -25.79 -1.80
CA PRO A 239 -7.86 -26.58 -1.99
C PRO A 239 -8.98 -26.30 -0.99
N ASN A 240 -8.65 -26.20 0.29
CA ASN A 240 -9.69 -25.97 1.31
C ASN A 240 -10.30 -24.58 1.20
N ALA A 241 -9.51 -23.59 0.82
CA ALA A 241 -10.04 -22.25 0.56
C ALA A 241 -11.01 -22.24 -0.60
N ILE A 242 -10.66 -22.92 -1.69
CA ILE A 242 -11.54 -23.01 -2.85
C ILE A 242 -12.86 -23.70 -2.50
N ALA A 243 -12.78 -24.83 -1.80
CA ALA A 243 -13.97 -25.59 -1.44
C ALA A 243 -14.93 -24.79 -0.56
N GLU A 244 -14.41 -23.81 0.17
CA GLU A 244 -15.24 -22.96 1.04
C GLU A 244 -15.84 -21.76 0.31
N GLY A 245 -15.43 -21.54 -0.93
CA GLY A 245 -16.04 -20.52 -1.76
C GLY A 245 -15.36 -19.17 -1.60
N HIS A 246 -14.19 -19.18 -0.98
CA HIS A 246 -13.50 -17.94 -0.65
C HIS A 246 -12.93 -17.23 -1.88
N GLY A 247 -12.86 -17.93 -3.00
CA GLY A 247 -12.41 -17.33 -4.25
C GLY A 247 -13.48 -16.62 -5.06
N MET A 248 -14.74 -16.76 -4.66
CA MET A 248 -15.84 -16.29 -5.48
C MET A 248 -15.91 -14.79 -5.70
N TYR A 249 -15.68 -14.01 -4.64
CA TYR A 249 -15.75 -12.55 -4.81
C TYR A 249 -14.73 -12.06 -5.84
N ALA A 250 -13.49 -12.49 -5.67
CA ALA A 250 -12.44 -12.17 -6.63
C ALA A 250 -12.82 -12.56 -8.07
N LEU A 251 -13.39 -13.75 -8.23
CA LEU A 251 -13.86 -14.17 -9.55
C LEU A 251 -14.96 -13.26 -10.06
N ASN A 252 -15.92 -12.94 -9.20
CA ASN A 252 -17.01 -12.00 -9.53
C ASN A 252 -16.52 -10.66 -10.12
N VAL A 253 -15.51 -10.05 -9.51
CA VAL A 253 -15.13 -8.67 -9.89
C VAL A 253 -14.10 -8.60 -11.01
N THR A 254 -13.40 -9.71 -11.25
CA THR A 254 -12.27 -9.71 -12.16
C THR A 254 -12.67 -9.39 -13.60
N GLY A 255 -13.72 -10.04 -14.08
CA GLY A 255 -14.18 -9.83 -15.44
C GLY A 255 -14.63 -8.42 -15.68
N PRO A 256 -15.50 -7.88 -14.80
CA PRO A 256 -15.87 -6.49 -14.96
C PRO A 256 -14.66 -5.52 -14.90
N ILE A 257 -13.68 -5.81 -14.05
CA ILE A 257 -12.52 -4.94 -13.95
C ILE A 257 -11.66 -4.97 -15.20
N LEU A 258 -11.36 -6.17 -15.71
CA LEU A 258 -10.67 -6.29 -17.00
C LEU A 258 -11.42 -5.55 -18.11
N ASN A 259 -12.74 -5.74 -18.16
CA ASN A 259 -13.56 -5.03 -19.14
C ASN A 259 -13.44 -3.51 -19.00
N PHE A 260 -13.52 -3.03 -17.78
CA PHE A 260 -13.39 -1.59 -17.56
C PHE A 260 -12.06 -1.08 -18.13
N PHE A 261 -10.97 -1.78 -17.81
CA PHE A 261 -9.65 -1.28 -18.18
C PHE A 261 -9.40 -1.34 -19.69
N ALA A 262 -9.89 -2.39 -20.36
CA ALA A 262 -9.71 -2.48 -21.81
C ALA A 262 -10.34 -1.25 -22.49
N ASN A 263 -11.54 -0.91 -22.06
CA ASN A 263 -12.19 0.30 -22.52
C ASN A 263 -11.47 1.57 -22.05
N HIS A 264 -11.21 1.67 -20.75
CA HIS A 264 -10.50 2.82 -20.19
C HIS A 264 -9.23 3.13 -20.94
N TYR A 265 -8.48 2.09 -21.28
CA TYR A 265 -7.18 2.22 -21.92
C TYR A 265 -7.30 2.20 -23.45
N ASN A 266 -8.52 1.97 -23.96
CA ASN A 266 -8.71 1.85 -25.38
C ASN A 266 -7.78 0.77 -26.01
N THR A 267 -7.53 -0.29 -25.25
CA THR A 267 -6.57 -1.32 -25.62
C THR A 267 -7.04 -2.67 -25.12
N SER A 268 -7.10 -3.65 -26.02
CA SER A 268 -7.44 -5.01 -25.62
C SER A 268 -6.48 -5.56 -24.55
N TYR A 269 -7.04 -6.29 -23.59
CA TYR A 269 -6.23 -7.09 -22.67
C TYR A 269 -5.23 -7.91 -23.52
N PRO A 270 -3.92 -7.75 -23.25
CA PRO A 270 -2.89 -8.23 -24.16
C PRO A 270 -2.46 -9.71 -23.95
N LEU A 271 -3.21 -10.48 -23.19
CA LEU A 271 -2.86 -11.87 -22.90
C LEU A 271 -4.08 -12.82 -23.14
N PRO A 272 -3.80 -14.13 -23.34
CA PRO A 272 -4.90 -15.07 -23.59
C PRO A 272 -5.66 -15.46 -22.33
N LYS A 273 -5.04 -15.21 -21.17
CA LYS A 273 -5.64 -15.63 -19.92
C LYS A 273 -5.21 -14.75 -18.75
N SER A 274 -5.98 -14.86 -17.67
CA SER A 274 -5.70 -14.14 -16.42
C SER A 274 -5.76 -15.12 -15.26
N ASP A 275 -4.61 -15.38 -14.63
CA ASP A 275 -4.58 -16.07 -13.35
C ASP A 275 -4.30 -15.12 -12.20
N GLN A 276 -4.99 -15.33 -11.09
CA GLN A 276 -4.69 -14.63 -9.86
C GLN A 276 -4.60 -15.68 -8.77
N ILE A 277 -3.56 -15.60 -7.95
CA ILE A 277 -3.31 -16.66 -6.99
C ILE A 277 -3.17 -16.10 -5.57
N ALA A 278 -3.92 -16.68 -4.63
CA ALA A 278 -3.84 -16.33 -3.22
C ALA A 278 -2.80 -17.19 -2.50
N LEU A 279 -1.74 -16.54 -1.99
CA LEU A 279 -0.68 -17.25 -1.30
C LEU A 279 -0.71 -16.96 0.20
N PRO A 280 -0.59 -18.01 1.03
CA PRO A 280 -0.51 -17.80 2.48
C PRO A 280 0.76 -17.03 2.87
N ASP A 281 0.58 -15.92 3.56
CA ASP A 281 1.71 -15.15 4.14
C ASP A 281 2.67 -14.57 3.09
N PHE A 282 2.14 -14.25 1.92
CA PHE A 282 2.91 -13.49 0.92
C PHE A 282 3.11 -12.06 1.41
N ASN A 283 4.26 -11.80 2.01
CA ASN A 283 4.53 -10.56 2.75
C ASN A 283 4.61 -9.31 1.87
N ALA A 284 4.89 -9.50 0.59
CA ALA A 284 4.92 -8.41 -0.37
C ALA A 284 3.52 -7.86 -0.73
N GLY A 285 2.46 -8.55 -0.25
CA GLY A 285 1.10 -8.07 -0.43
C GLY A 285 0.44 -8.51 -1.74
N ALA A 286 0.92 -7.94 -2.85
CA ALA A 286 0.55 -8.37 -4.20
C ALA A 286 1.65 -8.04 -5.20
N MET A 287 1.67 -8.77 -6.32
CA MET A 287 2.61 -8.48 -7.37
C MET A 287 2.00 -8.75 -8.77
N GLU A 288 2.16 -7.78 -9.65
CA GLU A 288 1.43 -7.69 -10.90
C GLU A 288 2.04 -8.54 -12.05
N ASN A 289 2.60 -9.70 -11.74
CA ASN A 289 3.22 -10.49 -12.78
C ASN A 289 2.25 -10.69 -13.94
N TRP A 290 2.74 -10.53 -15.16
CA TRP A 290 1.88 -10.39 -16.31
C TRP A 290 1.19 -11.74 -16.62
N GLY A 291 -0.12 -11.81 -16.38
CA GLY A 291 -0.89 -13.04 -16.60
C GLY A 291 -0.99 -13.98 -15.39
N LEU A 292 -0.23 -13.68 -14.35
CA LEU A 292 -0.21 -14.51 -13.13
C LEU A 292 0.08 -13.65 -11.90
N VAL A 293 -0.94 -12.93 -11.45
CA VAL A 293 -0.79 -11.99 -10.36
C VAL A 293 -0.86 -12.72 -9.02
N THR A 294 0.11 -12.44 -8.15
CA THR A 294 0.17 -13.08 -6.83
C THR A 294 -0.36 -12.11 -5.75
N TYR A 295 -1.05 -12.68 -4.77
CA TYR A 295 -1.63 -11.94 -3.64
C TYR A 295 -1.38 -12.71 -2.35
N ARG A 296 -1.28 -12.00 -1.24
CA ARG A 296 -1.50 -12.65 0.06
C ARG A 296 -2.97 -13.05 0.15
N GLU A 297 -3.23 -14.18 0.80
CA GLU A 297 -4.58 -14.76 0.83
C GLU A 297 -5.61 -13.75 1.20
N ASN A 298 -5.34 -13.04 2.28
CA ASN A 298 -6.32 -12.11 2.85
C ASN A 298 -6.54 -10.89 1.99
N ALA A 299 -5.73 -10.73 0.96
CA ALA A 299 -5.98 -9.67 0.00
C ALA A 299 -6.89 -10.11 -1.15
N LEU A 300 -6.96 -11.42 -1.41
CA LEU A 300 -7.67 -11.90 -2.59
C LEU A 300 -8.92 -12.70 -2.23
N LEU A 301 -8.82 -13.41 -1.12
CA LEU A 301 -9.93 -14.27 -0.68
C LEU A 301 -10.90 -13.47 0.16
N PHE A 302 -12.12 -13.93 0.20
CA PHE A 302 -13.18 -13.29 0.95
C PHE A 302 -14.14 -14.35 1.49
N ASP A 303 -14.33 -14.36 2.80
CA ASP A 303 -15.36 -15.19 3.42
C ASP A 303 -16.57 -14.36 3.85
N PRO A 304 -17.69 -14.49 3.12
CA PRO A 304 -18.87 -13.69 3.46
C PRO A 304 -19.33 -13.87 4.91
N GLN A 305 -19.10 -15.04 5.48
CA GLN A 305 -19.66 -15.36 6.80
C GLN A 305 -18.96 -14.63 7.93
N SER A 306 -17.71 -14.27 7.71
CA SER A 306 -16.88 -13.70 8.78
C SER A 306 -16.21 -12.39 8.42
N SER A 307 -16.24 -12.02 7.14
CA SER A 307 -15.49 -10.84 6.64
C SER A 307 -16.33 -9.58 6.65
N SER A 308 -15.74 -8.47 7.06
CA SER A 308 -16.41 -7.19 7.05
C SER A 308 -16.45 -6.62 5.64
N ILE A 309 -17.26 -5.60 5.45
CA ILE A 309 -17.30 -4.84 4.21
C ILE A 309 -15.97 -4.17 3.87
N SER A 310 -15.22 -3.71 4.87
CA SER A 310 -13.89 -3.16 4.61
C SER A 310 -12.96 -4.20 3.97
N ASN A 311 -13.13 -5.46 4.35
CA ASN A 311 -12.42 -6.56 3.70
C ASN A 311 -12.80 -6.68 2.23
N LYS A 312 -14.10 -6.52 1.95
CA LYS A 312 -14.58 -6.58 0.58
C LYS A 312 -13.95 -5.46 -0.24
N GLU A 313 -13.94 -4.26 0.33
CA GLU A 313 -13.34 -3.12 -0.32
C GLU A 313 -11.84 -3.35 -0.57
N ARG A 314 -11.14 -4.00 0.37
CA ARG A 314 -9.72 -4.29 0.15
C ARG A 314 -9.54 -5.21 -1.05
N VAL A 315 -10.40 -6.21 -1.18
CA VAL A 315 -10.26 -7.17 -2.27
C VAL A 315 -10.46 -6.53 -3.65
N VAL A 316 -11.59 -5.84 -3.82
CA VAL A 316 -11.86 -5.28 -5.13
C VAL A 316 -10.83 -4.22 -5.57
N THR A 317 -10.32 -3.44 -4.63
CA THR A 317 -9.34 -2.40 -4.99
C THR A 317 -7.93 -2.96 -5.23
N VAL A 318 -7.51 -3.95 -4.46
CA VAL A 318 -6.20 -4.57 -4.75
C VAL A 318 -6.21 -5.31 -6.09
N ILE A 319 -7.33 -5.98 -6.40
CA ILE A 319 -7.49 -6.58 -7.72
C ILE A 319 -7.41 -5.53 -8.84
N ALA A 320 -8.18 -4.46 -8.70
CA ALA A 320 -8.18 -3.36 -9.66
C ALA A 320 -6.77 -2.79 -9.81
N HIS A 321 -6.06 -2.63 -8.70
CA HIS A 321 -4.72 -2.11 -8.74
C HIS A 321 -3.77 -3.00 -9.60
N GLU A 322 -3.72 -4.29 -9.27
CA GLU A 322 -2.83 -5.20 -9.95
C GLU A 322 -3.21 -5.36 -11.44
N LEU A 323 -4.51 -5.39 -11.72
CA LEU A 323 -4.97 -5.58 -13.10
C LEU A 323 -4.71 -4.34 -13.95
N ALA A 324 -4.75 -3.16 -13.30
CA ALA A 324 -4.41 -1.91 -13.99
C ALA A 324 -3.03 -2.04 -14.65
N HIS A 325 -2.12 -2.69 -13.94
CA HIS A 325 -0.74 -2.82 -14.38
C HIS A 325 -0.62 -3.68 -15.66
N GLN A 326 -1.64 -4.49 -15.91
CA GLN A 326 -1.55 -5.44 -17.01
C GLN A 326 -1.46 -4.68 -18.34
N TRP A 327 -1.82 -3.39 -18.29
CA TRP A 327 -1.52 -2.48 -19.39
C TRP A 327 -0.44 -1.49 -18.96
N PHE A 328 -0.74 -0.66 -17.94
CA PHE A 328 0.14 0.43 -17.55
C PHE A 328 1.20 -0.09 -16.58
N GLY A 329 2.41 -0.24 -17.06
CA GLY A 329 3.49 -0.92 -16.33
C GLY A 329 4.00 -2.16 -17.05
N ASN A 330 3.08 -3.04 -17.47
CA ASN A 330 3.47 -4.30 -18.09
C ASN A 330 3.53 -4.25 -19.63
N LEU A 331 2.45 -3.80 -20.26
CA LEU A 331 2.46 -3.58 -21.71
C LEU A 331 3.40 -2.41 -22.10
N VAL A 332 3.25 -1.27 -21.43
CA VAL A 332 4.18 -0.16 -21.56
C VAL A 332 4.93 0.02 -20.20
N THR A 333 6.23 -0.14 -20.24
CA THR A 333 7.03 -0.27 -19.02
C THR A 333 7.95 0.96 -18.84
N LEU A 334 8.01 1.49 -17.64
CA LEU A 334 8.93 2.61 -17.37
C LEU A 334 10.38 2.11 -17.49
N ALA A 335 11.21 2.88 -18.20
CA ALA A 335 12.54 2.44 -18.58
C ALA A 335 13.43 2.16 -17.39
N TRP A 336 13.19 2.85 -16.29
CA TRP A 336 14.07 2.69 -15.14
C TRP A 336 13.34 2.98 -13.83
N TRP A 337 13.86 2.43 -12.75
CA TRP A 337 13.22 2.44 -11.46
C TRP A 337 13.03 3.86 -10.85
N ASN A 338 13.83 4.82 -11.30
CA ASN A 338 13.62 6.21 -10.87
C ASN A 338 12.22 6.76 -11.21
N ASP A 339 11.59 6.17 -12.23
CA ASP A 339 10.20 6.50 -12.61
C ASP A 339 9.16 5.56 -12.05
N LEU A 340 9.53 4.75 -11.04
CA LEU A 340 8.56 3.87 -10.40
C LEU A 340 7.27 4.59 -9.96
N TRP A 341 7.41 5.83 -9.49
CA TRP A 341 6.27 6.62 -9.03
C TRP A 341 5.13 6.74 -10.07
N LEU A 342 5.49 6.86 -11.35
CA LEU A 342 4.48 6.93 -12.39
C LEU A 342 3.70 5.61 -12.52
N ASN A 343 4.43 4.51 -12.55
CA ASN A 343 3.80 3.19 -12.58
C ASN A 343 2.91 2.92 -11.37
N GLU A 344 3.50 3.00 -10.19
CA GLU A 344 2.77 2.72 -8.95
C GLU A 344 1.76 3.79 -8.59
N GLY A 345 2.14 5.04 -8.84
CA GLY A 345 1.20 6.18 -8.74
C GLY A 345 -0.04 6.00 -9.61
N PHE A 346 0.18 5.69 -10.89
CA PHE A 346 -0.92 5.48 -11.82
C PHE A 346 -1.88 4.37 -11.36
N ALA A 347 -1.34 3.21 -11.02
CA ALA A 347 -2.14 2.08 -10.50
C ALA A 347 -2.86 2.43 -9.20
N SER A 348 -2.18 3.12 -8.29
CA SER A 348 -2.79 3.58 -7.03
C SER A 348 -3.97 4.54 -7.24
N TYR A 349 -3.97 5.24 -8.36
CA TYR A 349 -5.11 6.08 -8.71
C TYR A 349 -6.22 5.27 -9.37
N VAL A 350 -5.91 4.55 -10.44
CA VAL A 350 -6.96 3.90 -11.25
C VAL A 350 -7.57 2.67 -10.60
N GLU A 351 -6.94 2.16 -9.54
CA GLU A 351 -7.52 1.07 -8.77
C GLU A 351 -8.94 1.46 -8.30
N TYR A 352 -9.12 2.74 -7.94
CA TYR A 352 -10.41 3.24 -7.53
C TYR A 352 -11.44 3.25 -8.69
N LEU A 353 -10.97 3.60 -9.88
CA LEU A 353 -11.80 3.62 -11.09
C LEU A 353 -12.26 2.23 -11.50
N GLY A 354 -11.31 1.27 -11.54
CA GLY A 354 -11.63 -0.12 -11.87
C GLY A 354 -12.56 -0.75 -10.87
N ALA A 355 -12.27 -0.53 -9.58
CA ALA A 355 -13.12 -1.05 -8.52
C ALA A 355 -14.53 -0.42 -8.55
N ASP A 356 -14.58 0.88 -8.85
CA ASP A 356 -15.88 1.57 -8.99
C ASP A 356 -16.72 0.93 -10.07
N HIS A 357 -16.08 0.47 -11.15
CA HIS A 357 -16.81 -0.21 -12.19
C HIS A 357 -17.41 -1.50 -11.68
N ALA A 358 -16.65 -2.24 -10.89
CA ALA A 358 -17.12 -3.48 -10.28
C ALA A 358 -18.21 -3.27 -9.23
N GLU A 359 -18.06 -2.22 -8.43
CA GLU A 359 -19.05 -1.90 -7.39
C GLU A 359 -19.54 -0.44 -7.52
N PRO A 360 -20.43 -0.18 -8.50
CA PRO A 360 -20.76 1.20 -8.84
C PRO A 360 -21.64 1.94 -7.82
N THR A 361 -22.20 1.23 -6.85
CA THR A 361 -23.02 1.89 -5.82
C THR A 361 -22.21 2.36 -4.65
N TRP A 362 -20.92 2.00 -4.61
CA TRP A 362 -20.11 2.15 -3.38
C TRP A 362 -19.46 3.52 -3.27
N ASN A 363 -19.46 4.29 -4.36
CA ASN A 363 -18.76 5.57 -4.36
C ASN A 363 -17.27 5.46 -4.02
N LEU A 364 -16.64 4.39 -4.46
CA LEU A 364 -15.27 4.09 -4.08
C LEU A 364 -14.27 5.19 -4.43
N LYS A 365 -14.52 5.92 -5.52
CA LYS A 365 -13.57 6.95 -5.96
C LYS A 365 -13.26 7.98 -4.87
N ASP A 366 -14.22 8.22 -4.00
CA ASP A 366 -14.06 9.18 -2.90
C ASP A 366 -12.90 8.79 -1.98
N LEU A 367 -12.62 7.48 -1.88
CA LEU A 367 -11.76 6.98 -0.83
C LEU A 367 -10.28 7.27 -1.06
N ILE A 368 -9.92 7.67 -2.28
CA ILE A 368 -8.57 8.15 -2.54
C ILE A 368 -8.19 9.35 -1.65
N VAL A 369 -9.20 10.11 -1.23
CA VAL A 369 -8.93 11.31 -0.46
C VAL A 369 -8.41 11.00 0.97
N PRO A 370 -9.22 10.28 1.76
CA PRO A 370 -8.66 9.81 3.04
C PRO A 370 -7.52 8.82 2.85
N GLY A 371 -7.60 7.96 1.84
CA GLY A 371 -6.70 6.80 1.73
C GLY A 371 -5.31 7.12 1.20
N ASP A 372 -5.22 8.05 0.27
CA ASP A 372 -3.93 8.42 -0.31
C ASP A 372 -3.57 9.89 -0.10
N VAL A 373 -4.51 10.80 -0.38
CA VAL A 373 -4.23 12.23 -0.39
C VAL A 373 -3.77 12.73 0.98
N TYR A 374 -4.62 12.59 1.97
CA TYR A 374 -4.28 13.06 3.31
C TYR A 374 -3.28 12.18 4.02
N ARG A 375 -3.33 10.88 3.72
CA ARG A 375 -2.29 9.97 4.15
C ARG A 375 -0.88 10.49 3.75
N VAL A 376 -0.66 10.72 2.46
CA VAL A 376 0.65 11.12 2.04
C VAL A 376 1.04 12.57 2.43
N MET A 377 0.05 13.45 2.56
CA MET A 377 0.34 14.82 2.96
C MET A 377 0.98 14.90 4.35
N ALA A 378 0.63 13.95 5.21
CA ALA A 378 1.25 13.86 6.53
C ALA A 378 2.79 13.74 6.45
N VAL A 379 3.29 12.99 5.48
CA VAL A 379 4.73 12.83 5.30
C VAL A 379 5.34 13.82 4.27
N ASP A 380 4.53 14.32 3.37
CA ASP A 380 5.00 15.30 2.39
C ASP A 380 5.02 16.74 2.94
N ALA A 381 4.46 16.94 4.13
CA ALA A 381 4.50 18.23 4.80
C ALA A 381 5.64 18.27 5.82
N LEU A 382 6.69 17.49 5.53
CA LEU A 382 7.91 17.49 6.34
C LEU A 382 9.10 17.97 5.50
N ALA A 383 10.08 18.54 6.18
CA ALA A 383 11.30 18.97 5.52
C ALA A 383 12.14 17.80 5.02
N SER A 384 11.87 16.61 5.54
CA SER A 384 12.60 15.40 5.17
C SER A 384 11.93 14.61 4.05
N SER A 385 10.91 15.20 3.41
CA SER A 385 10.30 14.59 2.24
C SER A 385 11.27 14.57 1.04
N HIS A 386 10.77 14.15 -0.12
CA HIS A 386 11.57 14.14 -1.34
C HIS A 386 10.65 14.26 -2.55
N PRO A 387 11.15 14.76 -3.69
CA PRO A 387 10.38 14.86 -4.93
C PRO A 387 9.97 13.49 -5.49
N LEU A 388 8.86 13.46 -6.22
CA LEU A 388 8.47 12.24 -6.91
C LEU A 388 9.60 11.77 -7.83
N THR A 389 10.17 12.70 -8.57
CA THR A 389 11.22 12.35 -9.52
C THR A 389 12.59 12.25 -8.85
N THR A 390 13.41 11.35 -9.33
CA THR A 390 14.79 11.17 -8.91
C THR A 390 15.60 11.02 -10.19
N PRO A 391 16.76 11.66 -10.26
CA PRO A 391 17.57 11.52 -11.46
C PRO A 391 17.93 10.02 -11.64
N ALA A 392 17.85 9.53 -12.87
CA ALA A 392 17.99 8.11 -13.13
C ALA A 392 19.40 7.65 -12.68
N GLU A 393 20.33 8.58 -12.78
CA GLU A 393 21.70 8.28 -12.47
C GLU A 393 22.02 8.27 -10.96
N GLU A 394 21.03 8.60 -10.14
CA GLU A 394 21.15 8.39 -8.69
C GLU A 394 20.59 7.03 -8.22
N VAL A 395 19.94 6.30 -9.12
CA VAL A 395 19.31 5.05 -8.74
C VAL A 395 20.00 3.86 -9.43
N ASN A 396 20.90 3.20 -8.71
CA ASN A 396 21.78 2.21 -9.31
C ASN A 396 21.72 0.85 -8.62
N THR A 397 21.77 0.85 -7.30
CA THR A 397 21.95 -0.39 -6.56
C THR A 397 20.58 -0.99 -6.29
N PRO A 398 20.55 -2.31 -6.01
CA PRO A 398 19.27 -2.91 -5.64
C PRO A 398 18.63 -2.25 -4.41
N ALA A 399 19.45 -1.82 -3.45
CA ALA A 399 18.94 -1.07 -2.29
C ALA A 399 18.33 0.28 -2.70
N GLN A 400 19.04 1.01 -3.55
CA GLN A 400 18.50 2.28 -4.08
C GLN A 400 17.17 2.13 -4.84
N ILE A 401 17.08 1.03 -5.60
CA ILE A 401 15.84 0.70 -6.30
C ILE A 401 14.71 0.42 -5.31
N SER A 402 14.97 -0.38 -4.29
CA SER A 402 13.95 -0.67 -3.28
C SER A 402 13.39 0.57 -2.59
N GLU A 403 14.24 1.56 -2.39
CA GLU A 403 13.85 2.82 -1.75
C GLU A 403 12.83 3.62 -2.58
N MET A 404 12.69 3.29 -3.85
CA MET A 404 11.66 3.89 -4.69
C MET A 404 10.23 3.53 -4.25
N PHE A 405 10.09 2.42 -3.56
CA PHE A 405 8.77 1.89 -3.23
C PHE A 405 8.29 2.41 -1.88
N ASP A 406 7.85 3.66 -1.86
CA ASP A 406 7.40 4.28 -0.63
C ASP A 406 6.09 5.07 -0.83
N SER A 407 5.64 5.69 0.25
CA SER A 407 4.38 6.39 0.31
C SER A 407 4.29 7.50 -0.73
N ILE A 408 5.38 8.24 -0.90
CA ILE A 408 5.44 9.31 -1.87
C ILE A 408 5.18 8.75 -3.28
N SER A 409 5.90 7.71 -3.65
CA SER A 409 5.74 7.12 -4.99
C SER A 409 4.29 6.66 -5.27
N TYR A 410 3.71 5.94 -4.35
CA TYR A 410 2.37 5.37 -4.54
C TYR A 410 1.30 6.45 -4.35
N SER A 411 1.27 7.04 -3.15
CA SER A 411 0.12 7.86 -2.74
C SER A 411 0.18 9.30 -3.30
N LYS A 412 1.38 9.92 -3.29
CA LYS A 412 1.49 11.22 -3.94
C LYS A 412 1.43 11.08 -5.45
N GLY A 413 2.09 10.02 -5.96
CA GLY A 413 1.94 9.64 -7.36
C GLY A 413 0.47 9.56 -7.77
N ALA A 414 -0.31 8.87 -6.96
CA ALA A 414 -1.75 8.75 -7.22
C ALA A 414 -2.41 10.14 -7.13
N SER A 415 -2.06 10.89 -6.10
CA SER A 415 -2.69 12.18 -5.88
C SER A 415 -2.46 13.15 -7.06
N VAL A 416 -1.23 13.25 -7.53
CA VAL A 416 -0.91 14.20 -8.60
C VAL A 416 -1.45 13.74 -9.97
N ILE A 417 -1.39 12.44 -10.23
CA ILE A 417 -2.01 11.94 -11.44
C ILE A 417 -3.53 12.21 -11.46
N ARG A 418 -4.19 12.03 -10.30
CA ARG A 418 -5.59 12.35 -10.18
C ARG A 418 -5.87 13.85 -10.46
N MET A 419 -5.03 14.71 -9.88
CA MET A 419 -5.13 16.12 -10.14
C MET A 419 -5.05 16.41 -11.64
N LEU A 420 -4.07 15.77 -12.29
CA LEU A 420 -3.78 15.96 -13.70
C LEU A 420 -4.97 15.55 -14.57
N SER A 421 -5.53 14.38 -14.30
CA SER A 421 -6.70 13.93 -15.02
C SER A 421 -7.89 14.89 -14.82
N ASN A 422 -8.05 15.37 -13.60
CA ASN A 422 -9.11 16.33 -13.31
C ASN A 422 -9.01 17.67 -14.04
N PHE A 423 -7.81 18.24 -14.12
CA PHE A 423 -7.66 19.54 -14.78
C PHE A 423 -7.60 19.46 -16.31
N LEU A 424 -7.23 18.28 -16.79
CA LEU A 424 -7.35 17.95 -18.21
C LEU A 424 -8.78 17.59 -18.62
N THR A 425 -9.60 17.21 -17.65
CA THR A 425 -10.79 16.37 -17.86
C THR A 425 -10.45 14.92 -18.25
N GLU A 426 -11.29 14.00 -17.81
CA GLU A 426 -10.96 12.58 -17.94
C GLU A 426 -10.97 12.17 -19.40
N ASP A 427 -11.92 12.68 -20.17
CA ASP A 427 -11.97 12.36 -21.60
C ASP A 427 -10.66 12.68 -22.29
N LEU A 428 -10.12 13.87 -22.00
CA LEU A 428 -8.85 14.29 -22.59
C LEU A 428 -7.69 13.45 -22.07
N PHE A 429 -7.69 13.20 -20.76
CA PHE A 429 -6.64 12.39 -20.15
C PHE A 429 -6.60 11.00 -20.79
N LYS A 430 -7.77 10.41 -20.98
CA LYS A 430 -7.90 9.08 -21.58
C LYS A 430 -7.41 9.05 -23.02
N GLU A 431 -7.64 10.14 -23.75
CA GLU A 431 -7.18 10.21 -25.14
C GLU A 431 -5.66 10.12 -25.20
N GLY A 432 -4.99 10.92 -24.37
CA GLY A 432 -3.53 10.96 -24.35
C GLY A 432 -2.96 9.65 -23.82
N LEU A 433 -3.62 9.12 -22.79
CA LEU A 433 -3.26 7.82 -22.22
C LEU A 433 -3.34 6.68 -23.27
N ALA A 434 -4.43 6.65 -24.05
CA ALA A 434 -4.55 5.73 -25.18
C ALA A 434 -3.43 5.93 -26.19
N SER A 435 -3.20 7.18 -26.56
CA SER A 435 -2.15 7.51 -27.51
C SER A 435 -0.76 6.99 -27.03
N TYR A 436 -0.50 7.16 -25.75
CA TYR A 436 0.76 6.77 -25.16
C TYR A 436 0.91 5.23 -25.17
N LEU A 437 -0.15 4.53 -24.79
CA LEU A 437 -0.14 3.07 -24.75
C LEU A 437 0.04 2.47 -26.15
N HIS A 438 -0.64 3.05 -27.14
CA HIS A 438 -0.50 2.56 -28.51
C HIS A 438 0.90 2.83 -29.07
N ALA A 439 1.46 4.00 -28.77
CA ALA A 439 2.77 4.37 -29.31
C ALA A 439 3.89 3.50 -28.74
N PHE A 440 3.76 3.11 -27.48
CA PHE A 440 4.86 2.48 -26.77
C PHE A 440 4.61 1.00 -26.38
N ALA A 441 3.52 0.41 -26.86
CA ALA A 441 3.24 -1.00 -26.55
C ALA A 441 4.46 -1.92 -26.73
N TYR A 442 4.71 -2.77 -25.72
CA TYR A 442 5.85 -3.69 -25.71
C TYR A 442 7.23 -3.00 -25.66
N GLN A 443 7.23 -1.71 -25.33
CA GLN A 443 8.49 -0.97 -25.20
C GLN A 443 8.59 -0.27 -23.82
N ASN A 444 9.46 0.73 -23.71
CA ASN A 444 9.70 1.40 -22.43
C ASN A 444 9.61 2.93 -22.62
N THR A 445 9.43 3.65 -21.53
CA THR A 445 9.10 5.08 -21.56
C THR A 445 9.71 5.78 -20.34
N THR A 446 9.74 7.11 -20.37
CA THR A 446 9.85 7.93 -19.19
C THR A 446 8.53 8.69 -19.01
N TYR A 447 8.35 9.30 -17.84
CA TYR A 447 7.20 10.11 -17.55
C TYR A 447 7.04 11.24 -18.59
N LEU A 448 8.15 11.66 -19.17
CA LEU A 448 8.10 12.70 -20.23
C LEU A 448 7.29 12.27 -21.44
N ASP A 449 7.32 10.96 -21.75
CA ASP A 449 6.53 10.41 -22.82
C ASP A 449 5.03 10.49 -22.57
N LEU A 450 4.62 10.29 -21.34
CA LEU A 450 3.22 10.45 -21.00
C LEU A 450 2.79 11.94 -21.13
N TRP A 451 3.60 12.84 -20.58
CA TRP A 451 3.29 14.27 -20.68
C TRP A 451 3.13 14.68 -22.15
N GLU A 452 4.02 14.15 -22.99
CA GLU A 452 4.05 14.48 -24.39
C GLU A 452 2.77 14.06 -25.11
N HIS A 453 2.28 12.87 -24.79
CA HIS A 453 1.06 12.36 -25.38
C HIS A 453 -0.20 13.04 -24.83
N LEU A 454 -0.17 13.42 -23.55
CA LEU A 454 -1.20 14.26 -22.99
C LEU A 454 -1.22 15.65 -23.64
N GLN A 455 -0.05 16.23 -23.88
CA GLN A 455 0.06 17.51 -24.58
C GLN A 455 -0.50 17.44 -25.99
N LYS A 456 -0.24 16.34 -26.67
CA LYS A 456 -0.80 16.12 -28.00
C LYS A 456 -2.34 16.22 -27.96
N ALA A 457 -2.96 15.62 -26.94
CA ALA A 457 -4.41 15.64 -26.82
C ALA A 457 -4.93 17.04 -26.49
N VAL A 458 -4.25 17.74 -25.58
CA VAL A 458 -4.56 19.14 -25.32
C VAL A 458 -4.47 19.99 -26.61
N ASP A 459 -3.38 19.82 -27.35
CA ASP A 459 -3.16 20.61 -28.55
C ASP A 459 -4.19 20.30 -29.64
N ALA A 460 -4.78 19.10 -29.56
CA ALA A 460 -5.73 18.65 -30.56
C ALA A 460 -7.17 19.08 -30.26
N GLN A 461 -7.34 19.94 -29.26
CA GLN A 461 -8.65 20.48 -28.95
C GLN A 461 -8.60 21.95 -28.49
N THR A 462 -9.78 22.55 -28.26
CA THR A 462 -9.88 24.01 -28.08
C THR A 462 -10.62 24.42 -26.82
N SER A 463 -11.06 23.44 -26.06
CA SER A 463 -12.03 23.67 -25.01
C SER A 463 -11.34 23.80 -23.64
N ILE A 464 -10.42 22.90 -23.37
CA ILE A 464 -9.55 22.98 -22.20
C ILE A 464 -8.31 23.82 -22.52
N ARG A 465 -8.12 24.90 -21.75
CA ARG A 465 -6.96 25.77 -21.93
C ARG A 465 -6.13 25.83 -20.64
N LEU A 466 -4.82 25.67 -20.77
CA LEU A 466 -3.92 25.59 -19.64
C LEU A 466 -3.02 26.84 -19.60
N PRO A 467 -2.54 27.20 -18.40
CA PRO A 467 -1.66 28.36 -18.27
C PRO A 467 -0.24 28.08 -18.78
N ASP A 468 0.09 26.82 -18.97
CA ASP A 468 1.37 26.45 -19.52
C ASP A 468 1.24 25.03 -20.11
N THR A 469 2.35 24.50 -20.60
CA THR A 469 2.39 23.12 -21.07
C THR A 469 2.15 22.11 -19.93
N VAL A 470 1.60 20.95 -20.28
CA VAL A 470 1.44 19.86 -19.33
C VAL A 470 2.76 19.63 -18.57
N ARG A 471 3.86 19.54 -19.29
CA ARG A 471 5.19 19.31 -18.70
C ARG A 471 5.55 20.38 -17.67
N ALA A 472 5.40 21.65 -18.03
CA ALA A 472 5.74 22.75 -17.14
C ALA A 472 4.91 22.73 -15.85
N ILE A 473 3.64 22.37 -15.99
CA ILE A 473 2.76 22.31 -14.84
C ILE A 473 3.18 21.14 -13.93
N MET A 474 3.33 19.96 -14.54
CA MET A 474 3.63 18.76 -13.76
C MET A 474 5.04 18.83 -13.16
N ASP A 475 5.93 19.57 -13.82
CA ASP A 475 7.25 19.84 -13.26
C ASP A 475 7.17 20.42 -11.84
N ARG A 476 6.23 21.34 -11.62
CA ARG A 476 6.01 21.90 -10.29
C ARG A 476 5.67 20.82 -9.26
N TRP A 477 4.97 19.78 -9.70
CA TRP A 477 4.45 18.79 -8.79
C TRP A 477 5.35 17.55 -8.64
N THR A 478 6.32 17.44 -9.52
CA THR A 478 7.15 16.25 -9.63
C THR A 478 8.64 16.49 -9.31
N LEU A 479 9.17 17.65 -9.67
CA LEU A 479 10.59 17.96 -9.44
C LEU A 479 10.92 18.56 -8.05
N GLN A 480 9.93 19.11 -7.36
CA GLN A 480 10.15 19.62 -6.00
C GLN A 480 9.26 18.84 -5.03
N MET A 481 9.72 18.69 -3.79
CA MET A 481 8.94 18.01 -2.77
C MET A 481 7.79 18.89 -2.26
N GLY A 482 6.86 18.29 -1.52
CA GLY A 482 5.91 19.05 -0.73
C GLY A 482 4.72 19.57 -1.55
N PHE A 483 3.89 20.37 -0.91
CA PHE A 483 2.72 20.97 -1.55
C PHE A 483 2.44 22.32 -0.87
N PRO A 484 1.64 23.19 -1.52
CA PRO A 484 1.30 24.48 -0.91
C PRO A 484 0.07 24.44 -0.01
N VAL A 485 0.07 25.29 1.01
CA VAL A 485 -1.17 25.79 1.60
C VAL A 485 -1.60 27.03 0.79
N ILE A 486 -2.85 27.00 0.35
CA ILE A 486 -3.43 28.11 -0.37
C ILE A 486 -4.30 28.88 0.61
N THR A 487 -3.96 30.13 0.86
CA THR A 487 -4.67 30.97 1.83
C THR A 487 -5.47 32.06 1.13
N VAL A 488 -6.73 32.20 1.53
CA VAL A 488 -7.63 33.15 0.88
C VAL A 488 -8.13 34.17 1.91
N ASP A 489 -7.94 35.45 1.58
CA ASP A 489 -8.60 36.54 2.28
C ASP A 489 -9.84 36.95 1.49
N THR A 490 -11.01 36.54 1.97
CA THR A 490 -12.25 36.71 1.21
C THR A 490 -12.77 38.15 1.24
N LYS A 491 -12.11 39.00 2.02
CA LYS A 491 -12.49 40.40 2.08
C LYS A 491 -12.01 41.11 0.83
N THR A 492 -10.89 40.64 0.29
CA THR A 492 -10.23 41.27 -0.86
C THR A 492 -10.17 40.32 -2.05
N GLY A 493 -10.30 39.02 -1.79
CA GLY A 493 -10.03 38.00 -2.80
C GLY A 493 -8.55 37.79 -3.09
N ASN A 494 -7.68 38.32 -2.23
CA ASN A 494 -6.25 37.99 -2.27
C ASN A 494 -6.06 36.49 -1.98
N ILE A 495 -5.24 35.85 -2.79
CA ILE A 495 -4.98 34.41 -2.63
C ILE A 495 -3.47 34.19 -2.67
N SER A 496 -2.96 33.40 -1.75
CA SER A 496 -1.52 33.18 -1.68
C SER A 496 -1.16 31.70 -1.58
N GLN A 497 0.05 31.38 -2.02
CA GLN A 497 0.59 30.03 -1.82
C GLN A 497 1.91 30.10 -1.06
N LYS A 498 2.10 29.13 -0.16
CA LYS A 498 3.42 28.85 0.40
C LYS A 498 3.61 27.38 0.74
N HIS A 499 4.86 26.93 0.66
CA HIS A 499 5.23 25.55 0.98
C HIS A 499 4.70 25.18 2.36
N PHE A 500 3.82 24.18 2.44
CA PHE A 500 3.19 23.85 3.72
C PHE A 500 4.01 22.87 4.56
N LEU A 501 4.40 23.29 5.76
CA LEU A 501 5.03 22.40 6.71
C LEU A 501 4.26 22.34 8.00
N LEU A 502 3.98 21.12 8.45
CA LEU A 502 3.36 20.93 9.77
C LEU A 502 4.17 21.56 10.91
N ASP A 503 5.49 21.46 10.83
CA ASP A 503 6.34 22.11 11.81
C ASP A 503 6.72 23.52 11.36
N SER A 504 6.09 24.52 11.97
CA SER A 504 6.27 25.91 11.54
C SER A 504 7.66 26.44 11.92
N GLU A 505 8.41 25.64 12.68
CA GLU A 505 9.78 26.00 13.04
C GLU A 505 10.81 25.28 12.18
N SER A 506 10.36 24.29 11.42
CA SER A 506 11.24 23.49 10.56
C SER A 506 12.04 24.35 9.60
N ASN A 507 13.31 24.02 9.40
CA ASN A 507 14.06 24.51 8.24
C ASN A 507 14.10 23.50 7.10
N VAL A 508 13.62 23.93 5.93
CA VAL A 508 13.83 23.19 4.69
C VAL A 508 15.25 23.43 4.21
N THR A 509 15.97 22.37 3.91
CA THR A 509 17.31 22.46 3.35
C THR A 509 17.39 21.93 1.94
N ARG A 510 16.38 21.17 1.52
CA ARG A 510 16.29 20.77 0.11
C ARG A 510 15.90 21.95 -0.77
N SER A 511 16.77 22.34 -1.68
CA SER A 511 16.47 23.48 -2.53
C SER A 511 15.55 23.06 -3.67
N SER A 512 14.75 24.01 -4.15
CA SER A 512 13.91 23.78 -5.30
C SER A 512 14.23 24.73 -6.43
N ALA A 513 14.21 24.20 -7.64
CA ALA A 513 14.41 24.97 -8.85
C ALA A 513 13.33 26.02 -9.01
N PHE A 514 12.20 25.84 -8.30
CA PHE A 514 11.05 26.71 -8.45
C PHE A 514 10.77 27.55 -7.21
N ASP A 515 11.71 27.50 -6.25
CA ASP A 515 11.56 28.27 -5.02
C ASP A 515 10.31 27.88 -4.25
N TYR A 516 9.94 26.60 -4.34
CA TYR A 516 8.70 26.11 -3.74
C TYR A 516 7.48 26.98 -4.09
N LEU A 517 7.37 27.29 -5.37
CA LEU A 517 6.13 27.83 -5.93
C LEU A 517 5.53 26.82 -6.90
N TRP A 518 4.20 26.72 -6.88
CA TRP A 518 3.50 25.79 -7.74
C TRP A 518 2.59 26.51 -8.74
N ILE A 519 2.24 25.80 -9.81
CA ILE A 519 1.13 26.21 -10.69
C ILE A 519 -0.08 25.37 -10.31
N VAL A 520 -1.09 26.01 -9.74
CA VAL A 520 -2.12 25.32 -8.98
C VAL A 520 -3.51 25.43 -9.60
N PRO A 521 -4.11 24.29 -9.97
CA PRO A 521 -5.49 24.27 -10.44
C PRO A 521 -6.47 24.41 -9.28
N ILE A 522 -7.31 25.45 -9.32
CA ILE A 522 -8.16 25.77 -8.19
C ILE A 522 -9.62 25.85 -8.62
N SER A 523 -10.38 24.82 -8.27
CA SER A 523 -11.84 24.87 -8.37
C SER A 523 -12.40 25.50 -7.11
N SER A 524 -13.59 26.07 -7.20
CA SER A 524 -14.22 26.68 -6.03
C SER A 524 -15.72 26.67 -6.15
N ILE A 525 -16.37 26.68 -4.99
CA ILE A 525 -17.81 26.67 -4.86
C ILE A 525 -18.17 27.88 -4.00
N LYS A 526 -19.13 28.68 -4.45
CA LYS A 526 -19.59 29.82 -3.64
C LYS A 526 -21.08 29.70 -3.34
N ASN A 527 -21.42 29.76 -2.05
CA ASN A 527 -22.80 29.48 -1.62
C ASN A 527 -23.38 28.21 -2.23
N GLY A 528 -22.54 27.22 -2.46
CA GLY A 528 -23.02 25.92 -2.94
C GLY A 528 -23.13 25.85 -4.44
N VAL A 529 -22.64 26.87 -5.13
CA VAL A 529 -22.69 26.92 -6.58
C VAL A 529 -21.29 26.92 -7.16
N MET A 530 -21.02 26.00 -8.09
CA MET A 530 -19.72 25.91 -8.74
C MET A 530 -19.31 27.21 -9.40
N GLN A 531 -18.05 27.61 -9.26
CA GLN A 531 -17.54 28.81 -9.90
C GLN A 531 -16.69 28.45 -11.10
N ASP A 532 -16.39 29.42 -11.95
CA ASP A 532 -15.38 29.22 -12.97
C ASP A 532 -14.11 28.68 -12.34
N HIS A 533 -13.46 27.76 -13.04
CA HIS A 533 -12.16 27.25 -12.62
C HIS A 533 -11.09 28.35 -12.72
N TYR A 534 -10.08 28.25 -11.86
CA TYR A 534 -9.01 29.25 -11.76
C TYR A 534 -7.65 28.56 -11.67
N TRP A 535 -6.64 29.15 -12.30
CA TRP A 535 -5.26 28.73 -12.12
C TRP A 535 -4.43 29.76 -11.35
N LEU A 536 -3.83 29.35 -10.24
CA LEU A 536 -2.81 30.17 -9.62
C LEU A 536 -1.46 29.96 -10.32
N ARG A 537 -0.92 31.04 -10.86
CA ARG A 537 0.36 30.94 -11.55
C ARG A 537 1.51 30.84 -10.54
N ASP A 538 2.74 30.70 -11.04
CA ASP A 538 3.90 30.56 -10.17
C ASP A 538 4.23 31.91 -9.52
N VAL A 539 3.31 32.42 -8.70
CA VAL A 539 3.54 33.61 -7.91
C VAL A 539 3.09 33.41 -6.45
N SER A 540 3.74 34.12 -5.53
CA SER A 540 3.40 34.07 -4.10
C SER A 540 1.97 34.50 -3.84
N GLN A 541 1.56 35.56 -4.53
CA GLN A 541 0.30 36.22 -4.23
C GLN A 541 -0.43 36.65 -5.51
N ALA A 542 -1.75 36.52 -5.49
CA ALA A 542 -2.59 37.04 -6.58
C ALA A 542 -3.94 37.50 -6.04
N GLN A 543 -4.74 38.09 -6.90
CA GLN A 543 -6.10 38.48 -6.54
C GLN A 543 -7.07 38.08 -7.62
N ASN A 544 -8.19 37.50 -7.22
CA ASN A 544 -9.31 37.31 -8.13
C ASN A 544 -10.63 37.47 -7.39
N ASP A 545 -11.58 38.11 -8.06
CA ASP A 545 -12.90 38.34 -7.48
C ASP A 545 -13.66 37.05 -7.25
N LEU A 546 -13.23 35.98 -7.92
CA LEU A 546 -13.72 34.64 -7.61
C LEU A 546 -13.68 34.34 -6.12
N PHE A 547 -12.68 34.88 -5.44
CA PHE A 547 -12.41 34.54 -4.04
C PHE A 547 -12.76 35.70 -3.13
N LYS A 548 -13.42 36.70 -3.70
CA LYS A 548 -13.95 37.83 -2.93
C LYS A 548 -15.40 37.51 -2.57
N THR A 549 -15.79 37.90 -1.35
CA THR A 549 -17.03 37.42 -0.76
C THR A 549 -17.76 38.58 -0.06
N ALA A 550 -19.08 38.62 -0.17
CA ALA A 550 -19.90 39.52 0.66
C ALA A 550 -19.94 38.98 2.09
N SER A 551 -20.62 39.71 2.96
CA SER A 551 -20.59 39.40 4.38
C SER A 551 -21.46 38.19 4.75
N ASP A 552 -22.49 37.94 3.95
CA ASP A 552 -23.34 36.75 4.15
C ASP A 552 -22.85 35.55 3.34
N ASP A 553 -22.06 35.79 2.28
CA ASP A 553 -21.65 34.74 1.38
C ASP A 553 -20.43 33.96 1.90
N TRP A 554 -20.29 32.72 1.45
CA TRP A 554 -19.07 31.96 1.70
C TRP A 554 -18.49 31.37 0.41
N VAL A 555 -17.18 31.19 0.40
CA VAL A 555 -16.50 30.47 -0.68
C VAL A 555 -15.62 29.33 -0.16
N LEU A 556 -15.49 28.29 -0.97
CA LEU A 556 -14.73 27.11 -0.56
C LEU A 556 -13.93 26.59 -1.74
N LEU A 557 -12.64 26.37 -1.53
CA LEU A 557 -11.73 26.00 -2.63
C LEU A 557 -11.46 24.49 -2.71
N ASN A 558 -11.05 24.04 -3.89
CA ASN A 558 -10.59 22.67 -4.10
C ASN A 558 -11.71 21.65 -3.93
N VAL A 559 -12.69 21.74 -4.83
CA VAL A 559 -13.87 20.88 -4.74
C VAL A 559 -13.44 19.41 -4.84
N ASN A 560 -13.94 18.62 -3.89
CA ASN A 560 -13.58 17.20 -3.80
C ASN A 560 -12.08 16.93 -3.58
N VAL A 561 -11.35 17.95 -3.17
CA VAL A 561 -9.90 17.85 -2.97
C VAL A 561 -9.24 17.12 -4.14
N THR A 562 -9.57 17.55 -5.35
CA THR A 562 -8.91 17.04 -6.55
C THR A 562 -7.47 17.57 -6.65
N GLY A 563 -7.24 18.76 -6.10
CA GLY A 563 -5.91 19.37 -6.14
C GLY A 563 -5.05 18.95 -4.95
N TYR A 564 -3.77 18.71 -5.22
CA TYR A 564 -2.83 18.32 -4.17
C TYR A 564 -2.37 19.54 -3.32
N PHE A 565 -3.31 20.11 -2.55
CA PHE A 565 -3.00 21.22 -1.66
C PHE A 565 -4.01 21.32 -0.54
N GLN A 566 -3.68 22.10 0.49
CA GLN A 566 -4.62 22.38 1.57
C GLN A 566 -4.99 23.87 1.56
N VAL A 567 -6.15 24.19 2.14
CA VAL A 567 -6.70 25.53 2.01
C VAL A 567 -6.96 26.16 3.38
N ASN A 568 -6.48 27.39 3.56
CA ASN A 568 -6.87 28.21 4.72
C ASN A 568 -7.65 29.43 4.26
N TYR A 569 -8.50 29.94 5.18
CA TYR A 569 -9.23 31.18 4.95
C TYR A 569 -9.03 32.14 6.10
N ASP A 570 -9.43 33.39 5.89
CA ASP A 570 -9.69 34.30 7.01
C ASP A 570 -10.76 33.73 7.93
N GLU A 571 -10.81 34.21 9.18
CA GLU A 571 -11.72 33.68 10.18
C GLU A 571 -13.20 33.85 9.85
N ASP A 572 -13.54 34.99 9.27
CA ASP A 572 -14.93 35.25 8.89
C ASP A 572 -15.45 34.16 7.93
N ASN A 573 -14.67 33.86 6.91
CA ASN A 573 -15.07 32.85 5.94
C ASN A 573 -15.23 31.48 6.58
N TRP A 574 -14.27 31.11 7.42
CA TRP A 574 -14.41 29.90 8.24
C TRP A 574 -15.76 29.89 8.97
N ARG A 575 -16.12 31.01 9.59
CA ARG A 575 -17.37 31.05 10.32
C ARG A 575 -18.59 30.85 9.44
N MET A 576 -18.60 31.46 8.29
CA MET A 576 -19.70 31.28 7.33
C MET A 576 -19.83 29.82 6.85
N ILE A 577 -18.69 29.18 6.55
CA ILE A 577 -18.68 27.75 6.25
C ILE A 577 -19.26 26.96 7.42
N GLN A 578 -18.85 27.32 8.64
CA GLN A 578 -19.35 26.66 9.85
C GLN A 578 -20.87 26.78 10.02
N HIS A 579 -21.40 28.00 9.82
CA HIS A 579 -22.85 28.22 9.89
C HIS A 579 -23.59 27.44 8.83
N GLN A 580 -23.01 27.34 7.63
CA GLN A 580 -23.60 26.56 6.56
C GLN A 580 -23.73 25.09 6.96
N LEU A 581 -22.63 24.51 7.46
CA LEU A 581 -22.62 23.11 7.84
C LEU A 581 -23.55 22.86 9.01
N GLN A 582 -23.73 23.88 9.84
CA GLN A 582 -24.70 23.85 10.93
C GLN A 582 -26.15 23.79 10.45
N THR A 583 -26.43 24.46 9.33
CA THR A 583 -27.82 24.75 8.95
C THR A 583 -28.34 23.90 7.79
N ASN A 584 -27.57 23.82 6.70
CA ASN A 584 -27.84 22.83 5.65
C ASN A 584 -26.50 22.30 5.13
N LEU A 585 -26.01 21.23 5.76
CA LEU A 585 -24.72 20.66 5.37
C LEU A 585 -24.72 20.13 3.94
N SER A 586 -25.89 19.79 3.42
CA SER A 586 -26.05 19.19 2.11
C SER A 586 -25.48 20.08 1.00
N VAL A 587 -25.41 21.38 1.27
CA VAL A 587 -24.95 22.34 0.27
C VAL A 587 -23.46 22.19 -0.06
N ILE A 588 -22.70 21.57 0.84
CA ILE A 588 -21.28 21.38 0.63
C ILE A 588 -20.98 19.88 0.41
N PRO A 589 -20.29 19.56 -0.68
CA PRO A 589 -20.02 18.18 -1.05
C PRO A 589 -19.39 17.41 0.12
N VAL A 590 -19.76 16.14 0.28
CA VAL A 590 -19.34 15.39 1.45
C VAL A 590 -17.81 15.34 1.60
N ILE A 591 -17.10 15.28 0.49
CA ILE A 591 -15.64 15.24 0.55
C ILE A 591 -15.12 16.55 1.13
N ASN A 592 -15.75 17.66 0.76
CA ASN A 592 -15.32 18.96 1.28
C ASN A 592 -15.72 19.18 2.74
N ARG A 593 -16.83 18.56 3.15
CA ARG A 593 -17.18 18.55 4.57
C ARG A 593 -16.03 17.93 5.37
N ALA A 594 -15.36 16.93 4.77
CA ALA A 594 -14.25 16.26 5.43
C ALA A 594 -12.99 17.11 5.37
N GLN A 595 -12.77 17.71 4.20
CA GLN A 595 -11.61 18.56 3.92
C GLN A 595 -11.46 19.67 4.97
N VAL A 596 -12.58 20.30 5.30
CA VAL A 596 -12.60 21.41 6.23
C VAL A 596 -12.01 20.96 7.56
N ILE A 597 -12.31 19.73 7.95
CA ILE A 597 -11.78 19.13 9.16
C ILE A 597 -10.32 18.71 9.01
N TYR A 598 -10.02 17.99 7.94
CA TYR A 598 -8.64 17.58 7.65
C TYR A 598 -7.69 18.78 7.64
N ASP A 599 -8.00 19.77 6.82
CA ASP A 599 -7.10 20.90 6.60
C ASP A 599 -6.89 21.70 7.89
N SER A 600 -7.99 22.00 8.59
CA SER A 600 -7.91 22.90 9.74
C SER A 600 -7.07 22.33 10.89
N PHE A 601 -7.13 21.03 11.12
CA PHE A 601 -6.28 20.39 12.12
C PHE A 601 -4.80 20.43 11.74
N ASN A 602 -4.49 20.22 10.47
CA ASN A 602 -3.12 20.42 9.99
C ASN A 602 -2.68 21.89 10.10
N LEU A 603 -3.55 22.80 9.70
CA LEU A 603 -3.30 24.23 9.82
C LEU A 603 -3.06 24.64 11.29
N ALA A 604 -3.84 24.04 12.18
CA ALA A 604 -3.67 24.26 13.62
C ALA A 604 -2.31 23.75 14.10
N THR A 605 -1.95 22.53 13.71
CA THR A 605 -0.60 22.01 13.96
C THR A 605 0.50 22.98 13.51
N ALA A 606 0.34 23.53 12.31
CA ALA A 606 1.31 24.45 11.72
C ALA A 606 1.24 25.86 12.27
N HIS A 607 0.36 26.07 13.27
CA HIS A 607 0.11 27.39 13.87
C HIS A 607 -0.45 28.44 12.91
N MET A 608 -1.25 27.99 11.93
CA MET A 608 -1.83 28.89 10.95
C MET A 608 -3.27 29.25 11.26
N VAL A 609 -3.92 28.39 12.02
CA VAL A 609 -5.15 28.74 12.70
C VAL A 609 -5.06 28.28 14.17
N PRO A 610 -5.89 28.86 15.06
CA PRO A 610 -5.92 28.32 16.42
C PRO A 610 -6.60 26.95 16.48
N VAL A 611 -6.21 26.13 17.46
CA VAL A 611 -6.73 24.77 17.56
C VAL A 611 -8.23 24.77 17.81
N THR A 612 -8.72 25.83 18.45
CA THR A 612 -10.15 25.98 18.70
C THR A 612 -10.94 26.14 17.41
N LEU A 613 -10.28 26.66 16.37
CA LEU A 613 -10.89 26.78 15.05
C LEU A 613 -11.09 25.40 14.41
N ALA A 614 -10.06 24.57 14.48
CA ALA A 614 -10.18 23.16 14.06
C ALA A 614 -11.30 22.44 14.80
N LEU A 615 -11.36 22.61 16.12
CA LEU A 615 -12.40 21.99 16.93
C LEU A 615 -13.82 22.48 16.59
N ASP A 616 -13.97 23.80 16.43
CA ASP A 616 -15.20 24.38 15.91
C ASP A 616 -15.69 23.68 14.62
N ASN A 617 -14.75 23.25 13.79
CA ASN A 617 -15.07 22.58 12.52
C ASN A 617 -15.65 21.18 12.70
N THR A 618 -15.68 20.68 13.93
CA THR A 618 -16.30 19.39 14.23
C THR A 618 -17.74 19.58 14.76
N LEU A 619 -18.12 20.83 15.04
CA LEU A 619 -19.38 21.11 15.74
C LEU A 619 -20.58 20.64 14.92
N PHE A 620 -20.45 20.69 13.61
CA PHE A 620 -21.55 20.31 12.72
C PHE A 620 -21.83 18.81 12.72
N LEU A 621 -20.92 18.03 13.31
CA LEU A 621 -20.96 16.57 13.16
C LEU A 621 -22.17 15.94 13.80
N ASN A 622 -22.78 16.63 14.75
CA ASN A 622 -23.97 16.08 15.40
C ASN A 622 -25.11 15.82 14.44
N GLY A 623 -25.06 16.45 13.26
CA GLY A 623 -26.08 16.24 12.23
C GLY A 623 -25.53 15.55 10.99
N GLU A 624 -24.29 15.06 11.09
CA GLU A 624 -23.62 14.43 9.96
C GLU A 624 -23.90 12.94 9.94
N LYS A 625 -24.41 12.45 8.81
CA LYS A 625 -24.75 11.03 8.68
C LYS A 625 -23.69 10.25 7.89
N GLU A 626 -22.85 10.95 7.14
CA GLU A 626 -22.00 10.28 6.17
C GLU A 626 -20.62 9.97 6.71
N TYR A 627 -19.94 9.03 6.05
CA TYR A 627 -18.72 8.46 6.60
C TYR A 627 -17.60 9.50 6.69
N MET A 628 -17.29 10.16 5.58
CA MET A 628 -16.00 10.79 5.47
C MET A 628 -15.69 11.90 6.50
N PRO A 629 -16.64 12.83 6.69
CA PRO A 629 -16.38 13.93 7.60
C PRO A 629 -16.14 13.39 9.02
N TRP A 630 -16.88 12.35 9.39
CA TRP A 630 -16.70 11.71 10.69
C TRP A 630 -15.33 11.04 10.79
N GLN A 631 -14.90 10.41 9.70
CA GLN A 631 -13.56 9.84 9.61
C GLN A 631 -12.48 10.90 9.74
N ALA A 632 -12.72 12.06 9.14
CA ALA A 632 -11.78 13.18 9.21
C ALA A 632 -11.61 13.62 10.67
N ALA A 633 -12.73 13.76 11.37
CA ALA A 633 -12.73 14.10 12.79
C ALA A 633 -11.98 13.05 13.61
N LEU A 634 -12.35 11.78 13.43
CA LEU A 634 -11.77 10.72 14.23
C LEU A 634 -10.27 10.55 13.97
N SER A 635 -9.83 10.67 12.72
CA SER A 635 -8.41 10.62 12.39
C SER A 635 -7.65 11.79 12.98
N SER A 636 -8.25 12.96 12.95
CA SER A 636 -7.60 14.18 13.45
C SER A 636 -7.54 14.21 14.98
N LEU A 637 -8.47 13.52 15.62
CA LEU A 637 -8.60 13.59 17.08
C LEU A 637 -7.88 12.45 17.79
N SER A 638 -7.46 11.43 17.04
CA SER A 638 -6.88 10.26 17.68
C SER A 638 -5.61 10.61 18.47
N TYR A 639 -4.88 11.61 17.98
CA TYR A 639 -3.72 12.15 18.68
C TYR A 639 -4.13 12.87 19.97
N PHE A 640 -5.25 13.57 19.93
CA PHE A 640 -5.79 14.24 21.12
C PHE A 640 -6.13 13.22 22.19
N SER A 641 -6.73 12.11 21.77
CA SER A 641 -7.00 11.02 22.69
C SER A 641 -5.70 10.44 23.21
N LEU A 642 -4.74 10.24 22.32
CA LEU A 642 -3.44 9.70 22.68
C LEU A 642 -2.77 10.57 23.73
N MET A 643 -2.84 11.88 23.56
CA MET A 643 -2.17 12.79 24.49
C MET A 643 -2.91 12.95 25.81
N PHE A 644 -4.24 12.90 25.77
CA PHE A 644 -5.07 13.40 26.87
C PHE A 644 -5.82 12.33 27.65
N ASP A 645 -5.84 11.09 27.15
CA ASP A 645 -6.74 10.09 27.74
C ASP A 645 -6.34 9.64 29.15
N ARG A 646 -5.23 10.18 29.67
CA ARG A 646 -4.87 10.00 31.06
C ARG A 646 -4.99 11.30 31.86
N SER A 647 -5.65 12.30 31.28
CA SER A 647 -5.63 13.64 31.82
C SER A 647 -7.03 14.13 32.17
N GLU A 648 -7.08 15.25 32.88
CA GLU A 648 -8.33 15.98 33.13
C GLU A 648 -9.09 16.38 31.85
N VAL A 649 -8.39 16.43 30.72
CA VAL A 649 -9.02 16.81 29.46
C VAL A 649 -10.00 15.75 28.99
N TYR A 650 -9.83 14.51 29.45
CA TYR A 650 -10.50 13.38 28.84
C TYR A 650 -11.98 13.38 29.09
N GLY A 651 -12.38 13.63 30.35
CA GLY A 651 -13.81 13.65 30.70
C GLY A 651 -14.65 14.47 29.74
N PRO A 652 -14.32 15.76 29.59
CA PRO A 652 -14.99 16.66 28.66
C PRO A 652 -14.85 16.23 27.20
N MET A 653 -13.71 15.64 26.85
CA MET A 653 -13.53 15.11 25.50
C MET A 653 -14.50 13.98 25.20
N LYS A 654 -14.56 12.98 26.09
CA LYS A 654 -15.53 11.89 25.97
C LYS A 654 -16.91 12.47 25.88
N LYS A 655 -17.23 13.37 26.80
CA LYS A 655 -18.56 13.94 26.88
C LYS A 655 -18.96 14.65 25.58
N TYR A 656 -18.04 15.46 25.06
CA TYR A 656 -18.25 16.13 23.77
C TYR A 656 -18.53 15.13 22.66
N LEU A 657 -17.74 14.05 22.62
CA LEU A 657 -17.89 13.06 21.56
C LEU A 657 -19.17 12.24 21.69
N ARG A 658 -19.54 11.92 22.92
CA ARG A 658 -20.85 11.30 23.20
C ARG A 658 -21.99 12.18 22.67
N LYS A 659 -21.93 13.47 22.98
CA LYS A 659 -22.87 14.43 22.49
C LYS A 659 -22.98 14.38 20.95
N GLN A 660 -21.84 14.34 20.28
CA GLN A 660 -21.81 14.46 18.82
C GLN A 660 -22.30 13.19 18.11
N VAL A 661 -21.97 12.04 18.67
CA VAL A 661 -22.20 10.78 17.99
C VAL A 661 -23.55 10.14 18.37
N GLU A 662 -24.15 10.64 19.45
CA GLU A 662 -25.39 10.05 19.93
C GLU A 662 -26.50 10.05 18.88
N PRO A 663 -26.73 11.19 18.21
CA PRO A 663 -27.75 11.27 17.17
C PRO A 663 -27.50 10.31 16.00
N LEU A 664 -26.23 10.16 15.61
CA LEU A 664 -25.85 9.20 14.60
C LEU A 664 -26.09 7.77 15.07
N PHE A 665 -25.74 7.48 16.32
CA PHE A 665 -26.07 6.19 16.92
C PHE A 665 -27.58 5.94 16.85
N GLN A 666 -28.36 6.93 17.24
CA GLN A 666 -29.83 6.82 17.16
C GLN A 666 -30.31 6.64 15.73
N HIS A 667 -29.72 7.41 14.80
CA HIS A 667 -30.06 7.28 13.39
C HIS A 667 -29.92 5.82 12.93
N PHE A 668 -28.77 5.22 13.20
CA PHE A 668 -28.53 3.87 12.75
C PHE A 668 -29.35 2.84 13.50
N GLU A 669 -29.67 3.15 14.76
CA GLU A 669 -30.55 2.29 15.54
C GLU A 669 -31.87 2.05 14.80
N THR A 670 -32.44 3.14 14.28
CA THR A 670 -33.70 3.08 13.52
C THR A 670 -33.49 2.52 12.11
N LEU A 671 -32.52 3.07 11.38
CA LEU A 671 -32.25 2.66 10.01
C LEU A 671 -32.02 1.15 9.89
N THR A 672 -31.28 0.57 10.84
CA THR A 672 -30.87 -0.83 10.77
C THR A 672 -31.91 -1.77 11.36
N LYS A 673 -33.04 -1.22 11.80
CA LYS A 673 -34.12 -1.98 12.44
C LYS A 673 -33.67 -2.74 13.68
N ASN A 674 -33.19 -1.98 14.66
CA ASN A 674 -32.62 -2.55 15.90
C ASN A 674 -31.35 -3.33 15.61
N TRP A 675 -30.57 -2.83 14.66
CA TRP A 675 -29.28 -3.42 14.31
C TRP A 675 -29.40 -4.81 13.67
N THR A 676 -30.61 -5.17 13.24
CA THR A 676 -30.83 -6.46 12.60
C THR A 676 -30.31 -6.51 11.16
N GLU A 677 -30.28 -5.36 10.48
CA GLU A 677 -29.86 -5.33 9.08
C GLU A 677 -28.94 -4.16 8.76
N ARG A 678 -27.83 -4.44 8.10
CA ARG A 678 -26.84 -3.43 7.76
C ARG A 678 -27.39 -2.43 6.75
N PRO A 679 -26.84 -1.20 6.72
CA PRO A 679 -27.14 -0.29 5.61
C PRO A 679 -26.66 -0.84 4.28
N GLU A 680 -27.25 -0.40 3.18
CA GLU A 680 -27.02 -1.07 1.90
C GLU A 680 -25.64 -0.78 1.31
N ASN A 681 -25.29 0.49 1.13
CA ASN A 681 -24.06 0.83 0.41
C ASN A 681 -22.84 0.94 1.33
N LEU A 682 -21.66 1.03 0.75
CA LEU A 682 -20.43 0.87 1.52
C LEU A 682 -20.22 2.04 2.47
N MET A 683 -20.38 3.27 1.98
CA MET A 683 -20.12 4.45 2.76
C MET A 683 -20.94 4.50 4.03
N ASP A 684 -22.21 4.15 3.93
CA ASP A 684 -23.09 4.14 5.09
C ASP A 684 -22.75 3.03 6.04
N GLN A 685 -22.32 1.90 5.51
CA GLN A 685 -21.83 0.80 6.34
C GLN A 685 -20.60 1.25 7.14
N TYR A 686 -19.70 1.94 6.46
CA TYR A 686 -18.51 2.48 7.10
C TYR A 686 -18.94 3.48 8.19
N SER A 687 -19.89 4.35 7.88
CA SER A 687 -20.34 5.34 8.85
C SER A 687 -20.94 4.67 10.07
N GLU A 688 -21.74 3.61 9.84
CA GLU A 688 -22.25 2.80 10.94
C GLU A 688 -21.12 2.18 11.77
N ILE A 689 -20.11 1.63 11.12
CA ILE A 689 -18.97 1.04 11.84
C ILE A 689 -18.30 2.05 12.77
N ASN A 690 -18.05 3.26 12.26
CA ASN A 690 -17.39 4.31 13.03
C ASN A 690 -18.29 4.87 14.15
N ALA A 691 -19.58 4.99 13.86
CA ALA A 691 -20.52 5.56 14.82
C ALA A 691 -20.61 4.66 16.03
N ILE A 692 -20.57 3.34 15.79
CA ILE A 692 -20.65 2.36 16.87
C ILE A 692 -19.32 2.28 17.59
N SER A 693 -18.23 2.33 16.84
CA SER A 693 -16.91 2.49 17.45
C SER A 693 -16.83 3.73 18.37
N THR A 694 -17.21 4.88 17.83
CA THR A 694 -17.10 6.12 18.58
C THR A 694 -18.04 6.15 19.78
N ALA A 695 -19.28 5.70 19.58
CA ALA A 695 -20.24 5.68 20.65
C ALA A 695 -19.69 4.85 21.81
N CYS A 696 -19.22 3.64 21.50
CA CYS A 696 -18.89 2.66 22.52
C CYS A 696 -17.60 3.01 23.26
N SER A 697 -16.61 3.45 22.51
CA SER A 697 -15.33 3.81 23.09
C SER A 697 -15.43 5.09 23.93
N ASN A 698 -16.44 5.91 23.67
CA ASN A 698 -16.68 7.11 24.48
C ASN A 698 -17.77 6.93 25.54
N GLY A 699 -18.19 5.70 25.76
CA GLY A 699 -19.07 5.37 26.85
C GLY A 699 -20.50 5.85 26.70
N LEU A 700 -21.04 5.80 25.48
CA LEU A 700 -22.49 5.92 25.28
C LEU A 700 -23.20 4.66 25.82
N PRO A 701 -24.02 4.81 26.86
CA PRO A 701 -24.60 3.63 27.50
C PRO A 701 -25.40 2.74 26.55
N GLN A 702 -26.10 3.34 25.59
CA GLN A 702 -26.85 2.57 24.59
C GLN A 702 -25.96 1.60 23.81
N CYS A 703 -24.80 2.08 23.38
CA CYS A 703 -23.84 1.22 22.68
C CYS A 703 -23.24 0.17 23.59
N GLU A 704 -22.90 0.59 24.82
CA GLU A 704 -22.41 -0.32 25.85
C GLU A 704 -23.41 -1.45 26.12
N ASN A 705 -24.70 -1.08 26.20
CA ASN A 705 -25.75 -2.06 26.35
C ASN A 705 -25.82 -3.04 25.19
N LEU A 706 -25.75 -2.50 23.97
CA LEU A 706 -25.82 -3.33 22.75
C LEU A 706 -24.68 -4.34 22.67
N ALA A 707 -23.47 -3.88 23.00
CA ALA A 707 -22.30 -4.73 23.01
C ALA A 707 -22.43 -5.89 24.01
N LYS A 708 -22.86 -5.57 25.23
CA LYS A 708 -23.08 -6.59 26.24
C LYS A 708 -24.14 -7.61 25.81
N THR A 709 -25.24 -7.12 25.24
CA THR A 709 -26.34 -8.00 24.84
C THR A 709 -25.91 -9.00 23.79
N LEU A 710 -25.16 -8.53 22.80
CA LEU A 710 -24.73 -9.38 21.69
C LEU A 710 -23.67 -10.38 22.14
N PHE A 711 -22.74 -9.94 22.98
CA PHE A 711 -21.69 -10.82 23.47
C PHE A 711 -22.24 -11.85 24.45
N ASP A 712 -23.25 -11.47 25.23
CA ASP A 712 -23.98 -12.42 26.06
C ASP A 712 -24.65 -13.46 25.17
N GLN A 713 -25.39 -12.98 24.18
CA GLN A 713 -26.05 -13.85 23.22
C GLN A 713 -25.08 -14.85 22.57
N TRP A 714 -23.90 -14.36 22.17
CA TRP A 714 -22.90 -15.23 21.56
C TRP A 714 -22.39 -16.29 22.53
N MET A 715 -22.22 -15.91 23.79
CA MET A 715 -21.69 -16.81 24.80
C MET A 715 -22.67 -17.93 25.15
N SER A 716 -23.97 -17.65 25.06
CA SER A 716 -24.97 -18.68 25.27
C SER A 716 -25.13 -19.61 24.06
N ASP A 717 -24.45 -19.30 22.97
CA ASP A 717 -24.62 -20.05 21.73
C ASP A 717 -23.40 -19.88 20.80
N PRO A 718 -22.25 -20.44 21.21
CA PRO A 718 -20.96 -20.18 20.61
C PRO A 718 -20.88 -20.47 19.11
N GLU A 719 -21.67 -21.43 18.63
CA GLU A 719 -21.56 -21.85 17.22
C GLU A 719 -22.31 -20.90 16.30
N ASN A 720 -23.23 -20.13 16.85
CA ASN A 720 -23.98 -19.12 16.10
C ASN A 720 -23.64 -17.71 16.56
N ASN A 721 -22.52 -17.20 16.06
CA ASN A 721 -22.12 -15.83 16.32
C ASN A 721 -23.17 -14.86 15.80
N PRO A 722 -23.76 -14.06 16.69
CA PRO A 722 -24.83 -13.15 16.29
C PRO A 722 -24.34 -11.78 15.86
N ILE A 723 -23.03 -11.56 15.92
CA ILE A 723 -22.47 -10.24 15.68
C ILE A 723 -22.01 -10.14 14.22
N HIS A 724 -22.59 -9.20 13.48
CA HIS A 724 -22.20 -9.02 12.09
C HIS A 724 -20.73 -8.61 12.00
N PRO A 725 -19.98 -9.23 11.07
CA PRO A 725 -18.55 -9.01 10.92
C PRO A 725 -18.14 -7.54 10.87
N ASN A 726 -19.02 -6.67 10.39
CA ASN A 726 -18.75 -5.23 10.34
C ASN A 726 -18.53 -4.67 11.74
N LEU A 727 -19.25 -5.24 12.71
CA LEU A 727 -19.35 -4.66 14.06
C LEU A 727 -18.47 -5.39 15.09
N ARG A 728 -17.85 -6.47 14.67
CA ARG A 728 -17.22 -7.41 15.58
C ARG A 728 -16.13 -6.77 16.45
N SER A 729 -15.27 -5.98 15.81
CA SER A 729 -14.09 -5.43 16.49
C SER A 729 -14.52 -4.53 17.68
N THR A 730 -15.55 -3.72 17.47
CA THR A 730 -16.09 -2.87 18.52
C THR A 730 -16.86 -3.67 19.58
N ILE A 731 -17.77 -4.50 19.11
CA ILE A 731 -18.62 -5.26 20.01
C ILE A 731 -17.79 -6.20 20.90
N TYR A 732 -16.85 -6.92 20.29
CA TYR A 732 -15.91 -7.73 21.07
C TYR A 732 -15.20 -6.87 22.10
N CYS A 733 -14.60 -5.78 21.65
CA CYS A 733 -13.75 -4.95 22.51
C CYS A 733 -14.56 -4.41 23.70
N ASN A 734 -15.62 -3.68 23.39
CA ASN A 734 -16.46 -3.12 24.42
C ASN A 734 -17.03 -4.15 25.40
N ALA A 735 -17.35 -5.33 24.90
CA ALA A 735 -17.93 -6.37 25.75
C ALA A 735 -16.91 -6.99 26.68
N ILE A 736 -15.68 -7.17 26.21
CA ILE A 736 -14.62 -7.68 27.06
C ILE A 736 -14.23 -6.62 28.10
N ALA A 737 -14.27 -5.35 27.68
CA ALA A 737 -14.00 -4.23 28.57
C ALA A 737 -14.97 -4.18 29.77
N GLN A 738 -16.25 -4.38 29.49
CA GLN A 738 -17.27 -4.45 30.52
C GLN A 738 -17.18 -5.68 31.37
N GLY A 739 -16.69 -6.77 30.81
CA GLY A 739 -16.77 -8.09 31.45
C GLY A 739 -15.52 -8.42 32.24
N GLY A 740 -15.46 -9.65 32.74
CA GLY A 740 -14.32 -10.13 33.51
C GLY A 740 -13.68 -11.33 32.88
N GLN A 741 -13.33 -12.31 33.71
CA GLN A 741 -12.63 -13.50 33.23
C GLN A 741 -13.53 -14.45 32.43
N ASP A 742 -14.84 -14.36 32.62
CA ASP A 742 -15.78 -15.14 31.82
C ASP A 742 -15.73 -14.74 30.34
N GLN A 743 -15.94 -13.47 30.05
CA GLN A 743 -15.86 -12.97 28.69
C GLN A 743 -14.49 -13.18 28.10
N TRP A 744 -13.45 -12.91 28.90
CA TRP A 744 -12.07 -13.02 28.41
C TRP A 744 -11.71 -14.46 28.07
N ASP A 745 -12.00 -15.39 28.97
CA ASP A 745 -11.68 -16.81 28.75
C ASP A 745 -12.41 -17.39 27.54
N PHE A 746 -13.65 -16.95 27.35
CA PHE A 746 -14.48 -17.40 26.24
C PHE A 746 -13.91 -16.95 24.89
N ALA A 747 -13.58 -15.66 24.80
CA ALA A 747 -12.95 -15.11 23.63
C ALA A 747 -11.55 -15.69 23.40
N TRP A 748 -10.87 -16.05 24.49
CA TRP A 748 -9.59 -16.72 24.36
C TRP A 748 -9.77 -18.08 23.68
N GLY A 749 -10.70 -18.88 24.19
CA GLY A 749 -11.10 -20.13 23.55
C GLY A 749 -11.43 -19.97 22.07
N GLN A 750 -12.27 -19.00 21.72
CA GLN A 750 -12.60 -18.70 20.33
C GLN A 750 -11.40 -18.37 19.49
N LEU A 751 -10.45 -17.61 20.05
CA LEU A 751 -9.22 -17.29 19.35
C LEU A 751 -8.38 -18.53 19.06
N GLN A 752 -8.29 -19.44 20.04
CA GLN A 752 -7.46 -20.64 19.87
C GLN A 752 -7.97 -21.56 18.77
N GLN A 753 -9.28 -21.51 18.53
CA GLN A 753 -9.94 -22.42 17.61
C GLN A 753 -10.34 -21.74 16.30
N ALA A 754 -10.09 -20.44 16.21
CA ALA A 754 -10.38 -19.70 14.99
C ALA A 754 -9.61 -20.32 13.81
N GLN A 755 -10.25 -20.37 12.66
CA GLN A 755 -9.59 -20.91 11.46
C GLN A 755 -9.24 -19.79 10.49
N LEU A 756 -9.86 -18.63 10.67
CA LEU A 756 -9.65 -17.51 9.76
C LEU A 756 -8.83 -16.43 10.41
N VAL A 757 -7.85 -15.91 9.70
CA VAL A 757 -6.87 -14.99 10.26
C VAL A 757 -7.55 -13.70 10.72
N ASN A 758 -8.49 -13.17 9.94
CA ASN A 758 -9.11 -11.89 10.29
C ASN A 758 -10.01 -11.98 11.51
N GLU A 759 -10.63 -13.15 11.74
CA GLU A 759 -11.39 -13.35 12.95
C GLU A 759 -10.43 -13.51 14.13
N ALA A 760 -9.34 -14.24 13.92
CA ALA A 760 -8.29 -14.34 14.93
C ALA A 760 -7.75 -12.96 15.32
N ASP A 761 -7.48 -12.13 14.32
CA ASP A 761 -6.98 -10.77 14.54
C ASP A 761 -7.90 -9.94 15.43
N LYS A 762 -9.19 -10.00 15.16
CA LYS A 762 -10.18 -9.23 15.92
C LYS A 762 -10.26 -9.65 17.38
N LEU A 763 -10.19 -10.96 17.59
CA LEU A 763 -10.20 -11.55 18.93
C LEU A 763 -8.96 -11.15 19.69
N ARG A 764 -7.80 -11.36 19.06
CA ARG A 764 -6.51 -10.99 19.66
C ARG A 764 -6.56 -9.54 20.11
N SER A 765 -7.11 -8.68 19.25
CA SER A 765 -7.16 -7.26 19.53
C SER A 765 -8.16 -6.93 20.62
N ALA A 766 -9.35 -7.53 20.56
CA ALA A 766 -10.38 -7.26 21.57
C ALA A 766 -9.95 -7.73 22.96
N LEU A 767 -9.20 -8.82 23.01
CA LEU A 767 -8.73 -9.37 24.27
C LEU A 767 -7.91 -8.33 25.04
N ALA A 768 -7.31 -7.40 24.31
CA ALA A 768 -6.53 -6.33 24.92
C ALA A 768 -7.40 -5.23 25.56
N CYS A 769 -8.71 -5.34 25.43
CA CYS A 769 -9.62 -4.29 25.87
C CYS A 769 -10.11 -4.49 27.30
N SER A 770 -9.72 -5.61 27.91
CA SER A 770 -10.05 -5.88 29.29
C SER A 770 -9.65 -4.70 30.17
N ASN A 771 -10.41 -4.44 31.23
CA ASN A 771 -10.06 -3.39 32.18
C ASN A 771 -9.45 -3.94 33.48
N GLU A 772 -9.14 -5.23 33.47
CA GLU A 772 -8.53 -5.87 34.62
C GLU A 772 -7.02 -6.01 34.43
N VAL A 773 -6.25 -5.40 35.32
CA VAL A 773 -4.79 -5.39 35.24
C VAL A 773 -4.27 -6.81 35.17
N TRP A 774 -4.80 -7.67 36.03
CA TRP A 774 -4.33 -9.04 36.12
C TRP A 774 -4.55 -9.83 34.81
N LEU A 775 -5.66 -9.56 34.14
CA LEU A 775 -5.93 -10.21 32.85
C LEU A 775 -4.96 -9.73 31.78
N LEU A 776 -4.73 -8.43 31.73
CA LEU A 776 -3.80 -7.84 30.77
C LEU A 776 -2.36 -8.32 30.96
N ASN A 777 -1.94 -8.47 32.22
CA ASN A 777 -0.61 -9.01 32.51
C ASN A 777 -0.47 -10.48 32.14
N ARG A 778 -1.41 -11.31 32.60
CA ARG A 778 -1.51 -12.69 32.17
C ARG A 778 -1.47 -12.81 30.64
N TYR A 779 -2.19 -11.91 29.98
CA TYR A 779 -2.20 -11.84 28.53
C TYR A 779 -0.84 -11.51 27.95
N LEU A 780 -0.20 -10.48 28.48
CA LEU A 780 1.19 -10.18 28.11
C LEU A 780 2.04 -11.44 28.28
N GLY A 781 1.80 -12.16 29.35
CA GLY A 781 2.55 -13.38 29.65
C GLY A 781 2.39 -14.45 28.58
N TYR A 782 1.39 -14.29 27.73
CA TYR A 782 1.18 -15.24 26.63
C TYR A 782 1.89 -14.80 25.36
N THR A 783 2.12 -13.50 25.20
CA THR A 783 2.54 -12.94 23.92
C THR A 783 3.87 -13.51 23.42
N LEU A 784 4.67 -14.05 24.32
CA LEU A 784 5.98 -14.59 23.95
C LEU A 784 5.92 -16.13 23.80
N ASN A 785 4.75 -16.71 24.06
CA ASN A 785 4.53 -18.14 23.88
C ASN A 785 3.96 -18.42 22.48
N PRO A 786 4.79 -19.03 21.60
CA PRO A 786 4.42 -19.30 20.22
C PRO A 786 3.38 -20.40 20.11
N ASP A 787 3.25 -21.20 21.17
CA ASP A 787 2.13 -22.13 21.31
C ASP A 787 0.80 -21.39 21.44
N LEU A 788 0.79 -20.30 22.19
CA LEU A 788 -0.45 -19.55 22.41
C LEU A 788 -0.61 -18.35 21.47
N ILE A 789 0.50 -17.66 21.19
CA ILE A 789 0.46 -16.51 20.27
C ILE A 789 1.53 -16.64 19.18
N ARG A 790 1.11 -16.68 17.93
CA ARG A 790 2.06 -16.71 16.80
C ARG A 790 3.10 -15.60 17.00
N LYS A 791 4.37 -15.96 16.81
CA LYS A 791 5.47 -14.98 16.89
C LYS A 791 5.19 -13.75 16.07
N GLN A 792 4.75 -13.94 14.83
CA GLN A 792 4.51 -12.81 13.93
C GLN A 792 3.42 -11.91 14.49
N ASP A 793 2.81 -12.32 15.59
CA ASP A 793 1.69 -11.57 16.20
C ASP A 793 2.03 -11.03 17.58
N ALA A 794 3.25 -11.30 18.05
CA ALA A 794 3.59 -11.02 19.45
C ALA A 794 3.66 -9.51 19.72
N THR A 795 4.39 -8.78 18.88
CA THR A 795 4.62 -7.38 19.11
C THR A 795 3.33 -6.62 18.85
N SER A 796 2.57 -7.09 17.86
CA SER A 796 1.23 -6.59 17.60
C SER A 796 0.32 -6.67 18.82
N THR A 797 0.31 -7.83 19.46
CA THR A 797 -0.53 -8.05 20.64
C THR A 797 -0.06 -7.18 21.81
N ILE A 798 1.25 -7.02 21.95
CA ILE A 798 1.79 -6.14 22.96
C ILE A 798 1.37 -4.69 22.71
N ASN A 799 1.38 -4.27 21.45
CA ASN A 799 0.96 -2.92 21.09
C ASN A 799 -0.50 -2.66 21.41
N SER A 800 -1.32 -3.69 21.26
CA SER A 800 -2.74 -3.56 21.47
C SER A 800 -3.03 -3.40 22.96
N ILE A 801 -2.20 -4.04 23.77
CA ILE A 801 -2.30 -3.92 25.22
C ILE A 801 -1.82 -2.53 25.67
N ALA A 802 -0.73 -2.06 25.06
CA ALA A 802 -0.24 -0.72 25.28
C ALA A 802 -1.32 0.30 24.97
N SER A 803 -2.15 -0.02 23.97
CA SER A 803 -3.22 0.87 23.52
C SER A 803 -4.28 1.09 24.57
N ASN A 804 -4.48 0.10 25.43
CA ASN A 804 -5.38 0.21 26.57
C ASN A 804 -4.76 1.13 27.61
N VAL A 805 -5.42 2.26 27.88
CA VAL A 805 -4.93 3.23 28.87
C VAL A 805 -4.44 2.52 30.14
N ILE A 806 -5.13 1.45 30.52
CA ILE A 806 -4.74 0.64 31.67
C ILE A 806 -3.54 -0.26 31.35
N GLY A 807 -3.48 -0.71 30.09
CA GLY A 807 -2.39 -1.58 29.64
C GLY A 807 -1.10 -0.85 29.30
N GLN A 808 -1.15 0.47 29.23
CA GLN A 808 0.02 1.29 28.95
C GLN A 808 1.20 0.99 29.87
N PRO A 809 1.05 1.19 31.19
CA PRO A 809 2.17 0.93 32.09
C PRO A 809 2.61 -0.53 32.09
N LEU A 810 1.64 -1.45 31.98
CA LEU A 810 1.94 -2.88 31.97
C LEU A 810 2.78 -3.27 30.76
N ALA A 811 2.39 -2.79 29.59
CA ALA A 811 3.12 -3.06 28.36
C ALA A 811 4.53 -2.45 28.42
N TRP A 812 4.58 -1.16 28.75
CA TRP A 812 5.86 -0.48 28.95
C TRP A 812 6.77 -1.22 29.93
N ASP A 813 6.24 -1.62 31.08
CA ASP A 813 6.99 -2.44 32.02
C ASP A 813 7.47 -3.75 31.40
N PHE A 814 6.61 -4.37 30.59
CA PHE A 814 6.89 -5.67 29.99
C PHE A 814 8.02 -5.59 28.95
N VAL A 815 7.99 -4.51 28.15
CA VAL A 815 8.98 -4.32 27.10
C VAL A 815 10.36 -4.00 27.68
N GLN A 816 10.41 -3.10 28.66
CA GLN A 816 11.65 -2.81 29.39
C GLN A 816 12.25 -4.06 29.99
N SER A 817 11.41 -4.86 30.66
CA SER A 817 11.87 -6.00 31.43
C SER A 817 12.36 -7.13 30.54
N ASN A 818 11.69 -7.33 29.41
CA ASN A 818 12.01 -8.41 28.49
C ASN A 818 12.72 -7.90 27.27
N TRP A 819 13.41 -6.77 27.41
CA TRP A 819 14.21 -6.21 26.32
C TRP A 819 15.35 -7.16 25.99
N LYS A 820 16.01 -7.64 27.06
CA LYS A 820 16.86 -8.85 26.98
C LYS A 820 16.14 -10.01 26.27
N LYS A 821 15.83 -9.79 24.99
CA LYS A 821 15.17 -10.80 24.14
C LYS A 821 15.21 -10.30 22.72
N LEU A 822 16.08 -9.32 22.46
CA LEU A 822 16.50 -9.01 21.10
C LEU A 822 17.45 -10.08 20.61
N PHE A 823 18.29 -10.58 21.51
CA PHE A 823 19.22 -11.67 21.18
C PHE A 823 18.60 -13.06 21.33
N GLN A 824 17.27 -13.13 21.26
CA GLN A 824 16.56 -14.35 20.88
C GLN A 824 15.77 -14.13 19.61
N ASP A 825 15.40 -12.89 19.34
CA ASP A 825 14.47 -12.61 18.25
C ASP A 825 14.89 -11.51 17.30
N TYR A 826 16.16 -11.15 17.32
CA TYR A 826 16.80 -10.62 16.09
C TYR A 826 17.53 -11.69 15.30
N GLY A 827 17.64 -12.89 15.91
CA GLY A 827 18.10 -14.12 15.22
C GLY A 827 16.96 -15.10 14.90
N GLY A 828 15.89 -15.06 15.70
CA GLY A 828 14.75 -15.99 15.52
C GLY A 828 13.56 -15.39 14.83
N GLY A 829 13.77 -14.75 13.66
CA GLY A 829 12.73 -13.97 13.00
C GLY A 829 12.71 -12.53 13.49
N SER A 830 12.47 -11.59 12.57
CA SER A 830 12.69 -10.15 12.78
C SER A 830 12.07 -9.60 14.07
N PHE A 831 10.73 -9.57 14.12
CA PHE A 831 9.98 -8.96 15.21
C PHE A 831 9.43 -7.59 14.83
N SER A 832 10.33 -6.66 14.49
CA SER A 832 9.99 -5.23 14.46
C SER A 832 9.96 -4.67 15.89
N PHE A 833 11.08 -4.83 16.59
CA PHE A 833 11.46 -3.97 17.68
C PHE A 833 11.10 -2.52 17.36
N SER A 834 11.10 -2.14 16.09
CA SER A 834 10.89 -0.75 15.72
C SER A 834 9.45 -0.35 15.95
N ASN A 835 8.52 -1.17 15.43
CA ASN A 835 7.09 -0.86 15.52
C ASN A 835 6.57 -1.06 16.96
N LEU A 836 7.16 -2.00 17.67
CA LEU A 836 6.90 -2.21 19.08
C LEU A 836 7.26 -0.95 19.90
N ILE A 837 8.48 -0.45 19.71
CA ILE A 837 8.91 0.71 20.44
C ILE A 837 8.00 1.91 20.21
N GLN A 838 7.65 2.14 18.95
CA GLN A 838 6.84 3.30 18.59
C GLN A 838 5.46 3.20 19.22
N GLY A 839 4.91 1.98 19.26
CA GLY A 839 3.58 1.76 19.79
C GLY A 839 3.52 2.00 21.29
N VAL A 840 4.46 1.42 22.02
CA VAL A 840 4.46 1.46 23.47
C VAL A 840 4.87 2.83 24.03
N THR A 841 5.61 3.61 23.25
CA THR A 841 6.05 4.94 23.70
C THR A 841 5.19 6.06 23.13
N ARG A 842 4.21 5.68 22.32
CA ARG A 842 3.39 6.60 21.56
C ARG A 842 2.72 7.65 22.45
N ARG A 843 2.33 7.25 23.66
CA ARG A 843 1.59 8.12 24.57
C ARG A 843 2.45 9.18 25.27
N PHE A 844 3.76 8.93 25.34
CA PHE A 844 4.66 9.68 26.21
C PHE A 844 4.63 11.17 25.89
N SER A 845 4.35 11.99 26.91
CA SER A 845 4.13 13.41 26.64
C SER A 845 4.52 14.30 27.80
N SER A 846 5.30 13.76 28.73
CA SER A 846 5.79 14.54 29.84
C SER A 846 7.29 14.40 30.02
N GLU A 847 7.90 15.40 30.69
CA GLU A 847 9.32 15.34 31.08
C GLU A 847 9.63 14.03 31.82
N PHE A 848 8.76 13.65 32.75
CA PHE A 848 8.92 12.44 33.54
C PHE A 848 9.01 11.17 32.69
N GLU A 849 8.19 11.09 31.66
CA GLU A 849 8.22 9.95 30.75
C GLU A 849 9.44 9.96 29.84
N LEU A 850 9.92 11.16 29.53
CA LEU A 850 11.17 11.31 28.79
C LEU A 850 12.36 10.89 29.65
N GLN A 851 12.39 11.34 30.89
CA GLN A 851 13.40 10.89 31.85
C GLN A 851 13.41 9.37 31.95
N GLN A 852 12.26 8.76 31.67
CA GLN A 852 12.10 7.32 31.71
C GLN A 852 12.70 6.66 30.49
N LEU A 853 12.40 7.21 29.32
CA LEU A 853 12.94 6.70 28.06
C LEU A 853 14.45 6.83 28.06
N GLU A 854 14.96 7.97 28.55
CA GLU A 854 16.40 8.19 28.67
C GLU A 854 17.06 7.15 29.58
N GLN A 855 16.43 6.89 30.73
CA GLN A 855 16.91 5.87 31.66
C GLN A 855 16.90 4.46 31.06
N PHE A 856 15.89 4.17 30.25
CA PHE A 856 15.79 2.89 29.56
C PHE A 856 16.93 2.72 28.54
N LYS A 857 17.37 3.84 27.97
CA LYS A 857 18.40 3.83 26.92
C LYS A 857 19.75 3.36 27.45
N LYS A 858 20.03 3.70 28.71
CA LYS A 858 21.28 3.34 29.37
C LYS A 858 21.48 1.82 29.54
N ASN A 859 20.67 1.01 28.86
CA ASN A 859 21.09 -0.33 28.46
C ASN A 859 21.70 -0.35 27.06
N ASN A 860 22.62 0.58 26.82
CA ASN A 860 23.37 0.64 25.57
C ASN A 860 24.51 -0.34 25.61
N MET A 861 25.13 -0.46 26.78
CA MET A 861 26.20 -1.45 27.03
C MET A 861 25.67 -2.87 26.87
N ASP A 862 25.14 -3.17 25.68
CA ASP A 862 24.91 -4.53 25.21
C ASP A 862 23.46 -4.77 24.82
N VAL A 863 23.25 -5.87 24.07
CA VAL A 863 22.02 -6.11 23.29
C VAL A 863 21.70 -5.01 22.28
N GLY A 864 21.89 -3.74 22.67
CA GLY A 864 21.49 -2.60 21.83
C GLY A 864 20.01 -2.58 21.56
N PHE A 865 19.61 -2.45 20.30
CA PHE A 865 18.20 -2.24 19.95
C PHE A 865 17.81 -2.88 18.62
N GLY A 866 18.81 -3.29 17.85
CA GLY A 866 18.57 -4.09 16.64
C GLY A 866 18.03 -3.32 15.46
N SER A 867 16.95 -3.84 14.85
CA SER A 867 16.27 -3.15 13.76
C SER A 867 15.42 -1.98 14.28
N GLY A 868 15.41 -1.83 15.61
CA GLY A 868 14.63 -0.78 16.24
C GLY A 868 15.53 0.28 16.85
N THR A 869 16.82 0.23 16.56
CA THR A 869 17.79 1.19 17.09
C THR A 869 17.21 2.59 16.80
N ARG A 870 16.99 2.89 15.54
CA ARG A 870 16.72 4.22 15.00
C ARG A 870 15.39 4.78 15.45
N ALA A 871 14.51 3.87 15.81
CA ALA A 871 13.13 4.18 16.17
C ALA A 871 13.05 4.52 17.65
N LEU A 872 14.04 4.06 18.41
CA LEU A 872 14.27 4.55 19.78
C LEU A 872 14.68 6.03 19.81
N GLU A 873 15.47 6.47 18.85
CA GLU A 873 15.82 7.89 18.78
C GLU A 873 14.59 8.69 18.42
N GLN A 874 13.78 8.13 17.50
CA GLN A 874 12.53 8.77 17.08
C GLN A 874 11.55 8.90 18.24
N ALA A 875 11.58 7.93 19.17
CA ALA A 875 10.70 7.96 20.34
C ALA A 875 11.06 9.10 21.26
N LEU A 876 12.37 9.26 21.47
CA LEU A 876 12.88 10.38 22.27
C LEU A 876 12.51 11.72 21.65
N GLU A 877 12.62 11.84 20.33
CA GLU A 877 12.32 13.08 19.63
C GLU A 877 10.82 13.36 19.60
N LYS A 878 10.02 12.32 19.41
CA LYS A 878 8.58 12.46 19.37
C LYS A 878 8.02 12.86 20.73
N THR A 879 8.63 12.34 21.79
CA THR A 879 8.23 12.68 23.15
C THR A 879 8.47 14.17 23.46
N LYS A 880 9.63 14.69 23.03
CA LYS A 880 9.92 16.12 23.15
C LYS A 880 8.87 16.96 22.42
N ALA A 881 8.51 16.55 21.20
CA ALA A 881 7.46 17.22 20.45
C ALA A 881 6.09 17.08 21.11
N ASN A 882 5.86 15.95 21.78
CA ASN A 882 4.62 15.73 22.54
C ASN A 882 4.55 16.62 23.79
N ILE A 883 5.66 16.68 24.53
CA ILE A 883 5.76 17.56 25.70
C ILE A 883 5.45 19.00 25.32
N LYS A 884 6.02 19.47 24.21
CA LYS A 884 5.82 20.85 23.78
C LYS A 884 4.38 21.09 23.30
N TRP A 885 3.80 20.10 22.62
CA TRP A 885 2.44 20.24 22.09
C TRP A 885 1.39 20.26 23.21
N VAL A 886 1.56 19.42 24.22
CA VAL A 886 0.63 19.35 25.34
C VAL A 886 0.68 20.63 26.19
N LYS A 887 1.88 21.17 26.40
CA LYS A 887 2.03 22.43 27.11
C LYS A 887 1.37 23.58 26.38
N GLU A 888 1.48 23.61 25.05
CA GLU A 888 0.86 24.63 24.22
C GLU A 888 -0.67 24.51 24.21
N ASN A 889 -1.18 23.29 24.23
CA ASN A 889 -2.58 23.03 23.88
C ASN A 889 -3.52 22.65 25.04
N LYS A 890 -2.97 22.09 26.11
CA LYS A 890 -3.78 21.52 27.19
C LYS A 890 -4.88 22.47 27.69
N GLU A 891 -4.48 23.68 28.09
CA GLU A 891 -5.43 24.65 28.60
C GLU A 891 -6.50 25.02 27.59
N VAL A 892 -6.09 25.43 26.41
CA VAL A 892 -7.05 25.81 25.34
C VAL A 892 -8.02 24.68 25.03
N VAL A 893 -7.49 23.45 24.94
CA VAL A 893 -8.29 22.31 24.52
C VAL A 893 -9.28 21.85 25.59
N LEU A 894 -8.80 21.75 26.83
CA LEU A 894 -9.66 21.43 27.97
C LEU A 894 -10.90 22.33 28.04
N ASN A 895 -10.67 23.63 27.94
CA ASN A 895 -11.73 24.61 28.09
C ASN A 895 -12.68 24.65 26.89
N TRP A 896 -12.17 24.33 25.70
CA TRP A 896 -13.04 24.12 24.56
C TRP A 896 -13.98 22.93 24.75
N PHE A 897 -13.44 21.78 25.17
CA PHE A 897 -14.25 20.60 25.38
C PHE A 897 -15.26 20.82 26.48
N ILE A 898 -14.81 21.40 27.59
CA ILE A 898 -15.70 21.80 28.69
C ILE A 898 -16.85 22.64 28.14
N GLU A 899 -16.49 23.67 27.37
CA GLU A 899 -17.46 24.63 26.86
C GLU A 899 -18.48 24.02 25.92
N HIS A 900 -18.06 22.97 25.19
CA HIS A 900 -18.89 22.45 24.11
C HIS A 900 -19.54 21.10 24.41
N SER A 901 -19.34 20.59 25.62
CA SER A 901 -19.86 19.26 25.96
C SER A 901 -21.18 19.33 26.69
N SER A 902 -21.81 20.52 26.66
CA SER A 902 -23.05 20.77 27.39
C SER A 902 -22.77 20.79 28.89
C1 NAG B . 14.02 -23.31 -27.00
C2 NAG B . 15.00 -23.81 -28.06
C3 NAG B . 14.21 -24.22 -29.31
C4 NAG B . 13.17 -25.24 -28.97
C5 NAG B . 12.23 -24.61 -27.91
C6 NAG B . 11.12 -25.54 -27.44
C7 NAG B . 17.23 -22.94 -28.42
C8 NAG B . 18.04 -21.74 -28.86
N2 NAG B . 15.92 -22.75 -28.40
O3 NAG B . 15.07 -24.72 -30.30
O4 NAG B . 12.47 -25.52 -30.16
O5 NAG B . 13.00 -24.27 -26.77
O6 NAG B . 11.71 -26.80 -27.00
O7 NAG B . 17.80 -24.00 -28.15
C1 NAG B . 12.11 -26.90 -30.33
C2 NAG B . 11.10 -26.93 -31.44
C3 NAG B . 10.80 -28.28 -32.08
C4 NAG B . 11.88 -29.34 -31.96
C5 NAG B . 12.85 -29.09 -30.80
C6 NAG B . 14.11 -29.90 -30.97
C7 NAG B . 9.37 -25.24 -31.57
C8 NAG B . 10.13 -24.66 -32.70
N2 NAG B . 9.86 -26.34 -30.98
O3 NAG B . 10.53 -28.06 -33.47
O4 NAG B . 11.13 -30.53 -31.68
O5 NAG B . 13.22 -27.71 -30.70
O6 NAG B . 15.22 -28.99 -31.11
O7 NAG B . 8.32 -24.74 -31.18
C1 NAG B . 11.34 -31.55 -32.69
C2 NAG B . 10.77 -31.11 -34.06
C3 NAG B . 11.63 -31.41 -35.28
C4 NAG B . 12.90 -32.27 -35.04
C5 NAG B . 12.92 -32.98 -33.68
C6 NAG B . 14.28 -33.61 -33.38
C7 NAG B . 8.35 -30.91 -34.61
C8 NAG B . 7.03 -31.63 -34.73
N2 NAG B . 9.41 -31.66 -34.22
O3 NAG B . 12.03 -30.15 -35.85
O4 NAG B . 13.01 -33.25 -36.09
O5 NAG B . 12.70 -31.99 -32.72
O6 NAG B . 14.20 -35.03 -33.66
O7 NAG B . 8.42 -29.68 -34.87
C1 NAG C . 26.51 -23.47 -4.05
C2 NAG C . 25.69 -24.41 -3.18
C3 NAG C . 26.06 -24.19 -1.70
C4 NAG C . 27.58 -24.24 -1.49
C5 NAG C . 28.26 -23.35 -2.52
C6 NAG C . 29.77 -23.35 -2.44
C7 NAG C . 23.44 -24.94 -4.06
C8 NAG C . 22.00 -24.52 -4.02
N2 NAG C . 24.26 -24.20 -3.33
O3 NAG C . 25.40 -25.14 -0.90
O4 NAG C . 27.84 -23.71 -0.18
O5 NAG C . 27.88 -23.78 -3.81
O6 NAG C . 30.28 -24.59 -2.91
O7 NAG C . 23.78 -25.88 -4.77
C1 NAG C . 28.47 -24.69 0.65
C2 NAG C . 29.10 -23.99 1.86
C3 NAG C . 29.57 -24.95 2.97
C4 NAG C . 28.94 -26.35 3.00
C5 NAG C . 28.36 -26.76 1.64
C6 NAG C . 27.55 -28.06 1.62
C7 NAG C . 30.12 -21.90 1.04
C8 NAG C . 31.38 -21.28 0.54
N2 NAG C . 30.23 -23.21 1.34
O3 NAG C . 29.35 -24.31 4.22
O4 NAG C . 29.99 -27.29 3.32
O5 NAG C . 27.57 -25.68 1.14
O6 NAG C . 26.14 -27.75 1.77
O7 NAG C . 29.05 -21.24 1.20
C1 NAG C . 29.76 -28.15 4.49
C2 NAG C . 29.79 -27.47 5.87
C3 NAG C . 29.87 -28.57 6.94
C4 NAG C . 29.22 -29.94 6.61
C5 NAG C . 28.94 -30.25 5.13
C6 NAG C . 27.78 -31.24 4.97
C7 NAG C . 31.38 -25.73 6.77
C8 NAG C . 32.70 -25.04 6.49
N2 NAG C . 31.02 -26.68 5.87
O3 NAG C . 29.29 -28.11 8.17
O4 NAG C . 30.07 -30.97 7.11
O5 NAG C . 28.61 -29.05 4.41
O6 NAG C . 26.91 -30.83 3.89
O7 NAG C . 30.69 -25.42 7.77
C1 NAG D . 10.73 -19.36 -27.91
C2 NAG D . 11.99 -19.29 -28.75
C3 NAG D . 11.69 -18.54 -30.04
C4 NAG D . 10.53 -19.20 -30.77
C5 NAG D . 9.34 -19.28 -29.80
C6 NAG D . 8.06 -19.90 -30.39
C7 NAG D . 14.28 -19.29 -27.95
C8 NAG D . 15.32 -18.53 -27.13
N2 NAG D . 13.08 -18.69 -28.03
O3 NAG D . 12.86 -18.54 -30.83
O4 NAG D . 10.14 -18.37 -31.87
O5 NAG D . 9.71 -20.00 -28.65
O6 NAG D . 8.34 -21.24 -30.81
O7 NAG D . 14.57 -20.36 -28.47
C1 NAG D . 10.68 -18.88 -33.11
C2 NAG D . 9.78 -18.44 -34.24
C3 NAG D . 10.32 -18.88 -35.60
C4 NAG D . 11.81 -18.53 -35.72
C5 NAG D . 12.56 -18.96 -34.49
C6 NAG D . 14.05 -18.65 -34.56
C7 NAG D . 7.49 -17.92 -33.68
C8 NAG D . 6.06 -18.36 -33.54
N2 NAG D . 8.39 -18.80 -34.07
O3 NAG D . 9.62 -18.17 -36.60
O4 NAG D . 12.34 -19.25 -36.85
O5 NAG D . 11.95 -18.32 -33.35
O6 NAG D . 14.28 -17.46 -33.79
O7 NAG D . 7.81 -16.74 -33.42
C1 NAG E . 1.38 -35.92 -4.26
C2 NAG E . 0.29 -35.76 -3.19
C3 NAG E . 0.95 -35.64 -1.81
C4 NAG E . 1.87 -36.82 -1.55
C5 NAG E . 2.79 -37.11 -2.74
C6 NAG E . 3.47 -38.49 -2.56
C7 NAG E . -1.65 -34.60 -4.14
C8 NAG E . -2.33 -33.27 -4.37
N2 NAG E . -0.52 -34.58 -3.45
O3 NAG E . -0.04 -35.57 -0.80
O4 NAG E . 2.70 -36.40 -0.48
O5 NAG E . 2.11 -37.11 -3.99
O6 NAG E . 2.56 -39.52 -2.93
O7 NAG E . -2.14 -35.62 -4.59
C1 NAG E . 2.51 -37.18 0.75
C2 NAG E . 3.66 -36.79 1.69
C3 NAG E . 3.52 -37.58 2.99
C4 NAG E . 2.15 -37.28 3.61
C5 NAG E . 1.07 -37.64 2.60
C6 NAG E . -0.35 -37.37 3.12
C7 NAG E . 5.80 -36.01 0.82
C8 NAG E . 7.11 -36.33 0.19
N2 NAG E . 4.97 -37.02 1.05
O3 NAG E . 4.56 -37.23 3.91
O4 NAG E . 2.02 -38.07 4.81
O5 NAG E . 1.29 -36.88 1.41
O6 NAG E . -1.26 -38.03 2.23
O7 NAG E . 5.51 -34.82 1.14
C1 NAG F . -20.80 -13.38 -6.60
C2 NAG F . -21.18 -13.19 -5.14
C3 NAG F . -22.47 -13.94 -4.78
C4 NAG F . -23.60 -13.71 -5.78
C5 NAG F . -23.07 -13.90 -7.19
C6 NAG F . -24.13 -13.56 -8.22
C7 NAG F . -19.64 -12.84 -3.30
C8 NAG F . -18.65 -13.42 -2.33
N2 NAG F . -20.15 -13.67 -4.23
O3 NAG F . -22.88 -13.59 -3.47
O4 NAG F . -24.59 -14.72 -5.57
O5 NAG F . -21.95 -13.05 -7.38
O6 NAG F . -24.31 -12.13 -8.26
O7 NAG F . -19.94 -11.64 -3.25
C1 NAG F . -25.69 -14.15 -4.81
C2 NAG F . -27.00 -14.82 -5.24
C3 NAG F . -28.18 -14.46 -4.33
C4 NAG F . -27.82 -14.13 -2.86
C5 NAG F . -26.41 -13.58 -2.69
C6 NAG F . -25.97 -13.59 -1.22
C7 NAG F . -27.18 -15.11 -7.70
C8 NAG F . -27.45 -14.43 -8.99
N2 NAG F . -27.27 -14.35 -6.61
O3 NAG F . -29.13 -15.54 -4.33
O4 NAG F . -28.72 -13.11 -2.39
O5 NAG F . -25.49 -14.38 -3.42
O6 NAG F . -25.89 -14.95 -0.76
O7 NAG F . -26.92 -16.32 -7.68
C1 NAG F . -29.75 -13.62 -1.51
C2 NAG F . -31.05 -13.86 -2.30
C3 NAG F . -32.19 -14.08 -1.33
C4 NAG F . -31.81 -15.14 -0.27
C5 NAG F . -30.36 -15.08 0.27
C6 NAG F . -29.98 -16.46 0.83
C7 NAG F . -32.04 -12.46 -4.12
C8 NAG F . -32.00 -11.09 -4.72
N2 NAG F . -31.21 -12.62 -3.08
O3 NAG F . -33.34 -14.58 -2.04
O4 NAG F . -32.73 -15.01 0.82
O5 NAG F . -29.42 -14.79 -0.76
O6 NAG F . -30.88 -16.78 1.91
O7 NAG F . -32.81 -13.37 -4.51
C1 NAG G . -10.44 2.89 -29.19
C2 NAG G . -11.39 1.73 -29.50
C3 NAG G . -12.17 1.95 -30.82
C4 NAG G . -12.70 3.38 -30.96
C5 NAG G . -11.52 4.33 -30.70
C6 NAG G . -11.74 5.80 -31.09
C7 NAG G . -10.41 -0.36 -28.62
C8 NAG G . -9.58 -1.57 -28.96
N2 NAG G . -10.61 0.49 -29.63
O3 NAG G . -13.24 1.03 -30.86
O4 NAG G . -13.11 3.54 -32.33
O5 NAG G . -11.15 4.15 -29.32
O6 NAG G . -12.63 6.44 -30.15
O7 NAG G . -10.87 -0.20 -27.47
C1 NAG G . -14.47 4.09 -32.40
C2 NAG G . -14.67 4.67 -33.80
C3 NAG G . -16.11 5.16 -33.98
C4 NAG G . -17.06 4.02 -33.72
C5 NAG G . -16.78 3.50 -32.29
C6 NAG G . -17.64 2.33 -31.83
C7 NAG G . -12.66 5.55 -34.87
C8 NAG G . -11.75 6.71 -35.08
N2 NAG G . -13.72 5.73 -34.09
O3 NAG G . -16.26 5.65 -35.34
O4 NAG G . -18.39 4.50 -33.84
O5 NAG G . -15.43 3.06 -32.20
O6 NAG G . -19.01 2.54 -32.32
O7 NAG G . -12.37 4.46 -35.38
C1 NAG H . 13.01 1.31 -25.04
C2 NAG H . 13.69 0.35 -25.98
C3 NAG H . 13.91 0.92 -27.40
C4 NAG H . 12.69 1.67 -27.96
C5 NAG H . 12.23 2.65 -26.89
C6 NAG H . 10.96 3.41 -27.29
C7 NAG H . 15.33 -1.30 -25.38
C8 NAG H . 16.69 -1.61 -24.82
N2 NAG H . 14.98 -0.01 -25.41
O3 NAG H . 14.26 -0.13 -28.27
O4 NAG H . 13.14 2.40 -29.10
O5 NAG H . 11.92 1.95 -25.70
O6 NAG H . 10.63 4.33 -26.26
O7 NAG H . 14.60 -2.19 -25.81
C1 NAG H . 12.30 2.18 -30.27
C2 NAG H . 12.53 3.30 -31.30
C3 NAG H . 11.72 3.13 -32.58
C4 NAG H . 11.79 1.70 -33.08
C5 NAG H . 11.60 0.69 -31.97
C6 NAG H . 11.78 -0.73 -32.49
C7 NAG H . 13.27 5.32 -30.20
C8 NAG H . 14.65 4.78 -30.34
N2 NAG H . 12.25 4.59 -30.68
O3 NAG H . 12.31 3.95 -33.61
O4 NAG H . 10.76 1.56 -34.08
O5 NAG H . 12.53 0.94 -30.91
O6 NAG H . 13.18 -0.93 -32.73
O7 NAG H . 13.10 6.39 -29.65
C1 NAG I . -3.99 42.35 -1.40
C2 NAG I . -3.51 42.91 -0.07
C3 NAG I . -3.25 44.41 -0.24
C4 NAG I . -2.28 44.69 -1.39
C5 NAG I . -2.67 43.92 -2.65
C6 NAG I . -1.52 43.97 -3.66
C7 NAG I . -4.48 41.71 1.85
C8 NAG I . -3.41 40.63 1.68
N2 NAG I . -4.50 42.74 0.99
O3 NAG I . -2.67 44.84 0.98
O4 NAG I . -2.34 46.11 -1.67
O5 NAG I . -2.95 42.56 -2.36
O6 NAG I . -1.90 43.38 -4.89
O7 NAG I . -5.33 41.61 2.75
C1 NAG I . -1.01 46.72 -1.79
C2 NAG I . -1.18 48.03 -2.57
C3 NAG I . 0.13 48.82 -2.61
C4 NAG I . 0.54 49.09 -1.14
C5 NAG I . 0.77 47.74 -0.48
C6 NAG I . 1.18 47.90 0.98
C7 NAG I . -3.02 48.12 -4.19
C8 NAG I . -3.88 48.70 -3.07
N2 NAG I . -1.74 47.81 -3.90
O3 NAG I . -0.02 50.07 -3.28
O4 NAG I . 1.73 49.91 -1.12
O5 NAG I . -0.43 46.97 -0.50
O6 NAG I . 2.47 48.53 1.03
O7 NAG I . -3.50 47.91 -5.33
C1 NAG J . -17.64 15.60 -6.07
C2 NAG J . -18.18 15.77 -7.48
C3 NAG J . -19.57 15.13 -7.63
C4 NAG J . -19.58 13.69 -7.08
C5 NAG J . -19.03 13.72 -5.66
C6 NAG J . -19.00 12.32 -5.06
C7 NAG J . -17.43 17.77 -8.70
C8 NAG J . -17.62 19.23 -8.94
N2 NAG J . -18.22 17.19 -7.81
O3 NAG J . -19.91 15.09 -9.00
O4 NAG J . -20.91 13.19 -7.01
O5 NAG J . -17.70 14.22 -5.73
O6 NAG J . -18.59 12.40 -3.69
O7 NAG J . -16.54 17.18 -9.33
C1 NAG J . -21.15 12.22 -8.06
C2 NAG J . -22.37 11.39 -7.73
C3 NAG J . -22.58 10.34 -8.81
C4 NAG J . -22.76 11.03 -10.15
C5 NAG J . -21.58 11.96 -10.41
C6 NAG J . -21.77 12.80 -11.68
C7 NAG J . -22.87 11.41 -5.35
C8 NAG J . -22.77 10.68 -4.05
N2 NAG J . -22.31 10.79 -6.40
O3 NAG J . -23.73 9.54 -8.50
O4 NAG J . -22.86 10.05 -11.20
O5 NAG J . -21.43 12.88 -9.28
O6 NAG J . -22.15 14.14 -11.30
O7 NAG J . -23.42 12.55 -5.44
C1 NAG K . 16.16 25.87 12.23
C2 NAG K . 16.25 25.31 13.62
C3 NAG K . 15.44 26.24 14.54
C4 NAG K . 15.87 27.69 14.40
C5 NAG K . 16.37 28.14 12.99
C6 NAG K . 17.52 29.14 13.19
C7 NAG K . 14.57 23.51 13.81
C8 NAG K . 14.34 22.02 13.82
N2 NAG K . 15.84 23.92 13.70
O3 NAG K . 15.65 25.85 15.90
O4 NAG K . 14.74 28.52 14.77
O5 NAG K . 16.91 27.09 12.17
O6 NAG K . 17.10 30.44 12.75
O7 NAG K . 13.59 24.29 13.91
C1 NAG L . -30.62 21.91 1.59
C2 NAG L . -32.16 21.99 1.37
C3 NAG L . -32.69 21.12 0.24
C4 NAG L . -31.81 21.22 -1.00
C5 NAG L . -30.35 20.97 -0.57
C6 NAG L . -29.42 20.92 -1.77
C7 NAG L . -33.54 22.57 3.24
C8 NAG L . -34.19 22.12 4.53
N2 NAG L . -32.84 21.66 2.62
O3 NAG L . -34.00 21.57 -0.08
O4 NAG L . -32.20 20.27 -2.00
O5 NAG L . -30.01 22.07 0.31
O6 NAG L . -28.64 22.16 -1.82
O7 NAG L . -33.62 23.76 2.79
N ASP M . 4.68 -3.99 -7.43
CA ASP M . 4.15 -4.43 -6.09
C ASP M . 2.95 -3.63 -5.46
O ASP M . 1.97 -4.32 -4.93
CB ASP M . 5.25 -4.41 -5.04
CG ASP M . 5.46 -5.74 -4.37
OD1 ASP M . 6.01 -5.60 -3.18
OD2 ASP M . 5.11 -6.82 -4.91
OXT ASP M . 3.00 -2.41 -5.57
S SO4 N . 9.82 -0.01 -13.85
O1 SO4 N . 11.28 0.40 -13.94
O2 SO4 N . 9.67 -1.22 -12.94
O3 SO4 N . 9.32 -0.35 -15.21
O4 SO4 N . 9.01 1.15 -13.05
S SO4 O . 11.83 -24.02 -22.89
O1 SO4 O . 12.06 -25.50 -23.26
O2 SO4 O . 12.99 -23.65 -21.88
O3 SO4 O . 11.94 -23.27 -24.23
O4 SO4 O . 10.46 -23.76 -22.26
S SO4 P . -1.60 -5.27 -0.67
O1 SO4 P . -2.10 -6.68 -0.96
O2 SO4 P . -0.80 -5.30 0.69
O3 SO4 P . -0.70 -4.68 -1.75
O4 SO4 P . -2.84 -4.25 -0.54
S SO4 Q . 17.17 -29.45 -14.89
O1 SO4 Q . 16.60 -30.95 -14.59
O2 SO4 Q . 18.63 -29.35 -14.45
O3 SO4 Q . 16.38 -28.48 -14.07
O4 SO4 Q . 16.98 -29.08 -16.40
S SO4 R . -17.98 9.03 31.64
O1 SO4 R . -16.54 9.28 32.16
O2 SO4 R . -18.86 8.45 32.70
O3 SO4 R . -17.91 8.06 30.47
O4 SO4 R . -18.56 10.36 31.17
S SO4 S . -11.70 11.19 -9.80
O1 SO4 S . -11.10 10.43 -10.95
O2 SO4 S . -11.50 10.42 -8.48
O3 SO4 S . -11.02 12.53 -9.69
O4 SO4 S . -13.19 11.34 -10.04
S SO4 T . 16.99 -36.57 -13.19
O1 SO4 T . 17.95 -37.75 -13.43
O2 SO4 T . 15.85 -37.12 -12.24
O3 SO4 T . 17.76 -35.44 -12.44
O4 SO4 T . 16.48 -36.03 -14.54
S SO4 U . 3.88 1.89 0.19
O1 SO4 U . 3.53 0.43 -0.31
O2 SO4 U . 4.08 1.99 1.69
O3 SO4 U . 5.22 2.29 -0.49
O4 SO4 U . 2.74 2.88 -0.14
S SO4 V . 7.30 -22.57 -27.57
O1 SO4 V . 7.86 -24.07 -27.53
O2 SO4 V . 6.84 -22.08 -26.21
O3 SO4 V . 8.40 -21.65 -28.07
O4 SO4 V . 6.04 -22.40 -28.42
S SO4 W . 32.83 1.25 -21.46
O1 SO4 W . 33.31 -0.17 -21.92
O2 SO4 W . 32.09 1.10 -20.13
O3 SO4 W . 34.09 2.19 -21.20
O4 SO4 W . 31.88 1.89 -22.49
ZN ZN X . 1.29 -1.57 -8.25
#